data_5VRE
#
_entry.id   5VRE
#
_cell.length_a   152.660
_cell.length_b   108.880
_cell.length_c   119.330
_cell.angle_alpha   90.00
_cell.angle_beta   117.24
_cell.angle_gamma   90.00
#
_symmetry.space_group_name_H-M   'C 1 2 1'
#
_entity_poly.entity_id   1
_entity_poly.type   'polypeptide(L)'
_entity_poly.pdbx_seq_one_letter_code
;MVEAPEQSETGRIEAFSDGVFAIAITLLVLEIKVPQHKIVETVGLVSSLLSLWPSYLAFLTSFASILVMWVNHHRIFSLV
ARTDHAFFYWNGLLLMLVTFVPFPTALLAEYLIHPQARVAASVYAGIFLAIAIVFNRLWKHAATADRLLAQKADRHEVDA
ITKQYRFGPGLYLVAFALSFISVWLSVGVCFVLAIYFALRSNA
;
_entity_poly.pdbx_strand_id   A,B,C,D
#
# COMPACT_ATOMS: atom_id res chain seq x y z
N GLN A 7 -23.47 -12.98 5.55
CA GLN A 7 -22.22 -13.71 5.73
C GLN A 7 -21.28 -13.46 4.51
N SER A 8 -21.63 -13.95 3.30
CA SER A 8 -20.77 -13.71 2.13
C SER A 8 -20.86 -12.28 1.65
N GLU A 9 -22.06 -11.71 1.63
CA GLU A 9 -22.15 -10.34 1.16
C GLU A 9 -21.50 -9.36 2.12
N THR A 10 -21.82 -9.45 3.41
CA THR A 10 -21.16 -8.56 4.36
C THR A 10 -19.70 -8.97 4.56
N GLY A 11 -19.38 -10.24 4.39
CA GLY A 11 -17.97 -10.62 4.47
C GLY A 11 -17.18 -10.05 3.31
N ARG A 12 -17.79 -9.99 2.13
CA ARG A 12 -17.12 -9.42 0.97
C ARG A 12 -16.99 -7.89 1.09
N ILE A 13 -18.09 -7.19 1.39
CA ILE A 13 -18.02 -5.73 1.55
C ILE A 13 -17.15 -5.37 2.75
N GLU A 14 -17.36 -6.05 3.89
CA GLU A 14 -16.56 -5.82 5.08
C GLU A 14 -15.11 -6.16 4.82
N ALA A 15 -14.85 -7.21 4.05
CA ALA A 15 -13.46 -7.55 3.74
C ALA A 15 -12.78 -6.42 2.97
N PHE A 16 -13.39 -6.01 1.86
CA PHE A 16 -12.82 -4.94 1.04
C PHE A 16 -12.56 -3.71 1.88
N SER A 17 -13.55 -3.33 2.69
CA SER A 17 -13.34 -2.19 3.57
C SER A 17 -12.22 -2.48 4.58
N ASP A 18 -12.08 -3.74 5.02
CA ASP A 18 -11.00 -4.05 5.97
C ASP A 18 -9.63 -3.79 5.33
N GLY A 19 -9.43 -4.25 4.10
CA GLY A 19 -8.16 -4.02 3.42
C GLY A 19 -7.87 -2.55 3.19
N VAL A 20 -8.87 -1.82 2.69
CA VAL A 20 -8.68 -0.38 2.50
C VAL A 20 -8.28 0.28 3.81
N PHE A 21 -8.87 -0.17 4.93
CA PHE A 21 -8.48 0.37 6.24
C PHE A 21 -7.01 0.09 6.53
N ALA A 22 -6.57 -1.17 6.39
CA ALA A 22 -5.16 -1.46 6.72
C ALA A 22 -4.26 -0.52 5.95
N ILE A 23 -4.52 -0.35 4.65
CA ILE A 23 -3.63 0.51 3.85
C ILE A 23 -3.70 1.97 4.31
N ALA A 24 -4.89 2.47 4.61
CA ALA A 24 -4.95 3.85 5.10
C ALA A 24 -4.05 3.98 6.31
N ILE A 25 -4.24 3.09 7.28
CA ILE A 25 -3.47 3.19 8.51
C ILE A 25 -1.97 3.18 8.22
N THR A 26 -1.50 2.19 7.44
CA THR A 26 -0.06 2.11 7.25
C THR A 26 0.49 3.29 6.47
N LEU A 27 -0.27 3.82 5.50
CA LEU A 27 0.24 4.95 4.73
C LEU A 27 0.67 6.11 5.63
N LEU A 28 0.02 6.24 6.79
CA LEU A 28 0.34 7.30 7.76
C LEU A 28 1.84 7.46 7.96
N VAL A 29 2.58 6.35 7.91
CA VAL A 29 4.00 6.44 8.20
C VAL A 29 4.70 7.31 7.18
N LEU A 30 4.20 7.29 5.93
CA LEU A 30 4.86 8.01 4.85
C LEU A 30 4.84 9.51 5.10
N GLU A 31 3.83 10.00 5.83
CA GLU A 31 3.75 11.45 6.08
C GLU A 31 4.90 11.93 6.97
N ILE A 32 5.34 11.12 7.94
CA ILE A 32 6.48 11.45 8.78
C ILE A 32 7.70 11.55 7.88
N LYS A 33 8.24 12.75 7.70
CA LYS A 33 9.34 12.93 6.78
C LYS A 33 10.64 13.13 7.55
N VAL A 34 11.64 12.31 7.21
CA VAL A 34 12.97 12.38 7.84
C VAL A 34 13.55 13.78 7.65
N PRO A 35 14.26 14.36 8.63
CA PRO A 35 14.75 15.75 8.48
C PRO A 35 15.79 15.93 7.37
N GLN A 36 15.66 17.03 6.62
CA GLN A 36 16.51 17.31 5.47
C GLN A 36 17.98 17.50 5.87
N HIS A 37 18.90 17.27 4.93
CA HIS A 37 20.33 17.37 5.26
C HIS A 37 20.76 18.79 5.59
N LYS A 38 20.20 19.77 4.88
CA LYS A 38 20.66 21.13 5.10
C LYS A 38 20.39 21.57 6.54
N ILE A 39 19.15 21.42 7.00
CA ILE A 39 18.78 21.84 8.35
C ILE A 39 19.53 21.04 9.42
N VAL A 40 19.58 19.71 9.28
CA VAL A 40 20.21 18.88 10.31
C VAL A 40 21.68 19.25 10.46
N GLU A 41 22.33 19.66 9.37
CA GLU A 41 23.74 20.03 9.47
C GLU A 41 23.94 21.27 10.34
N THR A 42 23.06 22.27 10.21
CA THR A 42 23.23 23.47 11.02
C THR A 42 22.86 23.21 12.48
N VAL A 43 21.79 22.46 12.76
CA VAL A 43 21.31 22.39 14.14
C VAL A 43 21.59 21.06 14.86
N GLY A 44 21.97 20.00 14.16
CA GLY A 44 22.20 18.74 14.87
C GLY A 44 21.00 17.80 14.80
N LEU A 45 21.27 16.50 14.60
CA LEU A 45 20.20 15.51 14.34
C LEU A 45 19.17 15.44 15.47
N VAL A 46 19.58 15.68 16.71
CA VAL A 46 18.65 15.49 17.81
C VAL A 46 17.57 16.58 17.81
N SER A 47 17.98 17.85 17.79
CA SER A 47 17.00 18.94 17.79
C SER A 47 16.02 18.86 16.62
N SER A 48 16.45 18.29 15.49
CA SER A 48 15.59 18.12 14.34
C SER A 48 14.57 17.00 14.57
N LEU A 49 15.04 15.81 14.93
CA LEU A 49 14.12 14.72 15.25
C LEU A 49 13.15 15.13 16.33
N LEU A 50 13.59 15.99 17.23
CA LEU A 50 12.70 16.53 18.23
C LEU A 50 11.67 17.49 17.62
N SER A 51 12.14 18.43 16.80
CA SER A 51 11.18 19.37 16.21
C SER A 51 10.16 18.67 15.33
N LEU A 52 10.44 17.41 14.91
CA LEU A 52 9.45 16.57 14.23
C LEU A 52 8.36 16.06 15.10
N TRP A 53 8.32 16.47 16.37
CA TRP A 53 7.38 15.87 17.31
C TRP A 53 5.91 15.94 16.91
N PRO A 54 5.39 17.04 16.32
CA PRO A 54 3.98 17.02 15.93
C PRO A 54 3.67 16.05 14.82
N SER A 55 4.67 15.69 13.99
CA SER A 55 4.48 14.56 13.05
C SER A 55 4.28 13.25 13.80
N TYR A 56 5.10 12.99 14.83
CA TYR A 56 4.90 11.84 15.70
C TYR A 56 3.51 11.90 16.31
N LEU A 57 3.12 13.09 16.74
CA LEU A 57 1.86 13.29 17.43
C LEU A 57 0.67 12.98 16.52
N ALA A 58 0.64 13.61 15.34
CA ALA A 58 -0.45 13.39 14.40
C ALA A 58 -0.47 11.94 13.92
N PHE A 59 0.71 11.35 13.63
CA PHE A 59 0.75 9.94 13.22
C PHE A 59 0.12 9.07 14.27
N LEU A 60 0.49 9.31 15.53
CA LEU A 60 -0.01 8.51 16.65
C LEU A 60 -1.53 8.62 16.81
N THR A 61 -2.06 9.85 17.01
CA THR A 61 -3.49 9.97 17.25
C THR A 61 -4.29 9.50 16.06
N SER A 62 -3.85 9.84 14.85
CA SER A 62 -4.62 9.40 13.68
C SER A 62 -4.60 7.88 13.57
N PHE A 63 -3.45 7.25 13.81
CA PHE A 63 -3.37 5.80 13.79
C PHE A 63 -4.39 5.19 14.74
N ALA A 64 -4.43 5.74 15.96
CA ALA A 64 -5.38 5.30 16.99
C ALA A 64 -6.81 5.48 16.51
N SER A 65 -7.07 6.62 15.90
CA SER A 65 -8.40 6.96 15.41
C SER A 65 -8.87 6.00 14.34
N ILE A 66 -8.01 5.71 13.36
CA ILE A 66 -8.40 4.76 12.31
C ILE A 66 -8.55 3.36 12.85
N LEU A 67 -7.76 2.97 13.86
CA LEU A 67 -8.02 1.69 14.51
C LEU A 67 -9.42 1.65 15.15
N VAL A 68 -9.77 2.64 15.99
CA VAL A 68 -11.11 2.68 16.58
C VAL A 68 -12.19 2.65 15.51
N MET A 69 -11.99 3.39 14.41
CA MET A 69 -12.97 3.32 13.34
C MET A 69 -13.03 1.92 12.77
N TRP A 70 -11.90 1.20 12.72
CA TRP A 70 -11.94 -0.18 12.27
C TRP A 70 -12.80 -1.03 13.22
N VAL A 71 -12.64 -0.84 14.53
CA VAL A 71 -13.47 -1.57 15.50
C VAL A 71 -14.95 -1.30 15.27
N ASN A 72 -15.32 -0.03 15.17
CA ASN A 72 -16.71 0.30 14.95
C ASN A 72 -17.21 -0.35 13.67
N HIS A 73 -16.38 -0.34 12.63
CA HIS A 73 -16.83 -0.91 11.38
C HIS A 73 -17.14 -2.38 11.55
N HIS A 74 -16.21 -3.14 12.14
CA HIS A 74 -16.44 -4.58 12.32
C HIS A 74 -17.67 -4.88 13.18
N ARG A 75 -17.91 -4.10 14.23
CA ARG A 75 -19.11 -4.31 15.05
C ARG A 75 -20.38 -4.10 14.25
N ILE A 76 -20.48 -2.97 13.53
CA ILE A 76 -21.66 -2.76 12.71
C ILE A 76 -21.85 -3.92 11.74
N PHE A 77 -20.78 -4.35 11.06
CA PHE A 77 -20.98 -5.37 10.05
C PHE A 77 -21.28 -6.72 10.66
N SER A 78 -20.67 -7.05 11.79
CA SER A 78 -20.87 -8.37 12.36
C SER A 78 -22.32 -8.58 12.79
N LEU A 79 -22.97 -7.54 13.32
CA LEU A 79 -24.25 -7.77 14.01
C LEU A 79 -25.39 -8.10 13.03
N VAL A 80 -25.56 -7.33 11.95
CA VAL A 80 -26.63 -7.65 11.00
C VAL A 80 -26.03 -7.76 9.60
N ALA A 81 -26.57 -8.70 8.80
CA ALA A 81 -26.06 -9.11 7.50
C ALA A 81 -26.88 -8.65 6.29
N ARG A 82 -28.14 -8.29 6.45
CA ARG A 82 -28.90 -7.66 5.37
C ARG A 82 -28.18 -6.42 4.83
N THR A 83 -28.17 -6.25 3.50
CA THR A 83 -27.47 -5.15 2.84
C THR A 83 -28.34 -4.48 1.78
N ASP A 84 -28.36 -3.15 1.78
CA ASP A 84 -28.99 -2.32 0.75
C ASP A 84 -27.91 -1.64 -0.10
N HIS A 85 -28.34 -1.15 -1.27
CA HIS A 85 -27.47 -0.31 -2.09
C HIS A 85 -27.04 0.93 -1.33
N ALA A 86 -28.01 1.63 -0.72
CA ALA A 86 -27.75 2.88 0.01
C ALA A 86 -26.84 2.65 1.22
N PHE A 87 -26.97 1.48 1.86
CA PHE A 87 -25.98 1.10 2.86
C PHE A 87 -24.60 0.92 2.22
N PHE A 88 -24.54 0.24 1.08
CA PHE A 88 -23.25 0.09 0.42
C PHE A 88 -22.62 1.46 0.14
N TYR A 89 -23.41 2.44 -0.30
CA TYR A 89 -22.83 3.72 -0.63
C TYR A 89 -22.48 4.56 0.59
N TRP A 90 -23.27 4.51 1.67
CA TRP A 90 -22.83 5.19 2.87
C TRP A 90 -21.49 4.61 3.31
N ASN A 91 -21.38 3.28 3.23
CA ASN A 91 -20.11 2.62 3.43
C ASN A 91 -19.03 3.12 2.48
N GLY A 92 -19.38 3.38 1.22
CA GLY A 92 -18.40 3.88 0.26
C GLY A 92 -17.86 5.25 0.59
N LEU A 93 -18.74 6.18 0.92
CA LEU A 93 -18.32 7.49 1.39
C LEU A 93 -17.48 7.35 2.65
N LEU A 94 -17.86 6.43 3.53
CA LEU A 94 -17.08 6.19 4.75
C LEU A 94 -15.66 5.73 4.42
N LEU A 95 -15.52 4.81 3.46
CA LEU A 95 -14.18 4.48 3.01
C LEU A 95 -13.44 5.69 2.44
N MET A 96 -14.13 6.52 1.66
CA MET A 96 -13.48 7.67 1.03
C MET A 96 -12.92 8.63 2.07
N LEU A 97 -13.69 8.91 3.11
CA LEU A 97 -13.15 9.78 4.14
C LEU A 97 -12.01 9.11 4.89
N VAL A 98 -12.10 7.78 5.13
CA VAL A 98 -11.01 7.08 5.80
C VAL A 98 -9.71 7.15 5.02
N THR A 99 -9.74 6.83 3.71
CA THR A 99 -8.53 6.97 2.91
C THR A 99 -8.09 8.42 2.84
N PHE A 100 -9.02 9.34 2.96
CA PHE A 100 -8.61 10.73 2.93
C PHE A 100 -7.85 11.14 4.19
N VAL A 101 -8.03 10.44 5.31
CA VAL A 101 -7.42 10.85 6.60
C VAL A 101 -5.95 11.27 6.55
N PRO A 102 -5.07 10.57 5.80
CA PRO A 102 -3.65 10.97 5.78
C PRO A 102 -3.36 12.40 5.41
N PHE A 103 -4.13 13.02 4.50
CA PHE A 103 -3.82 14.40 4.11
C PHE A 103 -3.98 15.34 5.27
N PRO A 104 -5.14 15.48 5.93
CA PRO A 104 -5.25 16.31 7.12
C PRO A 104 -4.30 15.91 8.23
N THR A 105 -3.98 14.62 8.36
CA THR A 105 -2.89 14.23 9.25
C THR A 105 -1.63 15.01 8.90
N ALA A 106 -1.28 15.05 7.61
CA ALA A 106 -0.06 15.71 7.17
C ALA A 106 -0.11 17.21 7.39
N LEU A 107 -1.22 17.86 7.00
CA LEU A 107 -1.37 19.28 7.32
C LEU A 107 -1.17 19.50 8.80
N LEU A 108 -1.90 18.74 9.62
CA LEU A 108 -1.89 18.97 11.05
C LEU A 108 -0.47 18.83 11.61
N ALA A 109 0.26 17.82 11.14
CA ALA A 109 1.65 17.62 11.58
C ALA A 109 2.54 18.75 11.10
N GLU A 110 2.29 19.25 9.90
CA GLU A 110 3.18 20.23 9.29
C GLU A 110 3.04 21.61 9.90
N TYR A 111 1.81 22.06 10.16
CA TYR A 111 1.59 23.43 10.58
C TYR A 111 1.20 23.55 12.06
N LEU A 112 1.44 22.52 12.88
CA LEU A 112 1.04 22.63 14.28
C LEU A 112 1.76 23.79 14.95
N ILE A 113 3.09 23.88 14.76
CA ILE A 113 3.89 24.92 15.41
C ILE A 113 3.59 26.33 14.85
N HIS A 114 3.18 26.44 13.58
CA HIS A 114 3.19 27.67 12.81
C HIS A 114 1.87 28.43 12.98
N PRO A 115 1.77 29.72 12.48
CA PRO A 115 0.64 30.60 12.89
C PRO A 115 -0.77 30.19 12.47
N GLN A 116 -0.96 29.75 11.23
CA GLN A 116 -2.28 29.32 10.79
C GLN A 116 -2.59 27.88 11.13
N ALA A 117 -1.98 27.40 12.22
CA ALA A 117 -2.24 26.04 12.67
C ALA A 117 -3.73 25.79 12.81
N ARG A 118 -4.47 26.80 13.30
CA ARG A 118 -5.91 26.68 13.54
C ARG A 118 -6.70 26.28 12.29
N VAL A 119 -6.21 26.69 11.11
CA VAL A 119 -6.80 26.18 9.86
C VAL A 119 -6.62 24.66 9.79
N ALA A 120 -5.38 24.20 9.98
CA ALA A 120 -5.08 22.77 9.94
C ALA A 120 -5.89 22.03 11.00
N ALA A 121 -5.83 22.47 12.25
CA ALA A 121 -6.57 21.78 13.29
C ALA A 121 -8.05 21.71 12.94
N SER A 122 -8.63 22.78 12.43
CA SER A 122 -10.06 22.68 12.15
C SER A 122 -10.33 21.72 11.00
N VAL A 123 -9.48 21.70 9.96
CA VAL A 123 -9.75 20.76 8.86
C VAL A 123 -9.57 19.31 9.33
N TYR A 124 -8.65 19.08 10.26
CA TYR A 124 -8.42 17.82 10.95
C TYR A 124 -9.64 17.30 11.72
N ALA A 125 -9.99 18.03 12.80
CA ALA A 125 -11.20 17.70 13.55
C ALA A 125 -12.39 17.64 12.62
N GLY A 126 -12.32 18.38 11.51
CA GLY A 126 -13.37 18.31 10.53
C GLY A 126 -13.51 16.92 9.95
N ILE A 127 -12.43 16.39 9.36
CA ILE A 127 -12.54 15.08 8.72
C ILE A 127 -12.97 14.03 9.74
N PHE A 128 -12.51 14.16 11.00
CA PHE A 128 -12.95 13.18 12.01
C PHE A 128 -14.44 13.33 12.33
N LEU A 129 -14.90 14.57 12.50
CA LEU A 129 -16.33 14.81 12.66
C LEU A 129 -17.11 14.22 11.50
N ALA A 130 -16.65 14.46 10.26
CA ALA A 130 -17.36 14.00 9.07
C ALA A 130 -17.47 12.49 9.08
N ILE A 131 -16.36 11.80 9.37
CA ILE A 131 -16.41 10.34 9.47
C ILE A 131 -17.41 9.93 10.54
N ALA A 132 -17.44 10.64 11.68
CA ALA A 132 -18.41 10.33 12.73
C ALA A 132 -19.85 10.40 12.21
N ILE A 133 -20.16 11.49 11.51
CA ILE A 133 -21.47 11.69 10.90
C ILE A 133 -21.79 10.56 9.93
N VAL A 134 -20.80 10.13 9.14
CA VAL A 134 -21.04 9.09 8.16
C VAL A 134 -21.28 7.74 8.84
N PHE A 135 -20.56 7.45 9.94
CA PHE A 135 -20.87 6.28 10.76
C PHE A 135 -22.32 6.31 11.23
N ASN A 136 -22.70 7.47 11.74
CA ASN A 136 -24.05 7.68 12.23
C ASN A 136 -25.08 7.45 11.14
N ARG A 137 -24.85 7.99 9.96
CA ARG A 137 -25.81 7.85 8.86
C ARG A 137 -25.85 6.42 8.33
N LEU A 138 -24.67 5.80 8.18
CA LEU A 138 -24.57 4.38 7.81
C LEU A 138 -25.40 3.52 8.73
N TRP A 139 -25.28 3.73 10.06
CA TRP A 139 -26.09 2.96 11.00
C TRP A 139 -27.57 3.37 10.95
N LYS A 140 -27.86 4.67 10.79
CA LYS A 140 -29.25 5.13 10.76
C LYS A 140 -30.02 4.46 9.64
N HIS A 141 -29.39 4.30 8.48
CA HIS A 141 -30.05 3.57 7.40
C HIS A 141 -30.27 2.12 7.77
N ALA A 142 -29.50 1.56 8.70
CA ALA A 142 -29.72 0.16 9.07
C ALA A 142 -31.07 -0.04 9.79
N ALA A 143 -31.41 0.83 10.75
CA ALA A 143 -32.73 0.73 11.38
C ALA A 143 -33.84 1.01 10.36
N THR A 144 -33.73 2.15 9.65
CA THR A 144 -34.52 2.61 8.48
C THR A 144 -34.17 1.87 7.15
N ASP A 154 -28.79 -8.95 19.27
CA ASP A 154 -28.51 -8.31 20.56
C ASP A 154 -29.04 -6.91 20.60
N ARG A 155 -30.09 -6.74 21.37
CA ARG A 155 -30.75 -5.44 21.38
C ARG A 155 -30.01 -4.45 22.27
N HIS A 156 -29.43 -4.91 23.38
CA HIS A 156 -28.64 -4.01 24.23
C HIS A 156 -27.43 -3.46 23.50
N GLU A 157 -26.76 -4.29 22.71
CA GLU A 157 -25.67 -3.77 21.91
C GLU A 157 -26.18 -2.71 20.94
N VAL A 158 -27.34 -2.95 20.33
CA VAL A 158 -27.96 -1.94 19.46
C VAL A 158 -28.18 -0.64 20.21
N ASP A 159 -28.71 -0.71 21.42
CA ASP A 159 -29.02 0.50 22.19
C ASP A 159 -27.74 1.25 22.56
N ALA A 160 -26.78 0.55 23.17
CA ALA A 160 -25.52 1.16 23.55
C ALA A 160 -24.81 1.75 22.33
N ILE A 161 -24.94 1.08 21.19
CA ILE A 161 -24.29 1.54 19.95
C ILE A 161 -24.93 2.84 19.46
N THR A 162 -26.26 2.87 19.38
CA THR A 162 -26.95 4.09 18.97
C THR A 162 -26.62 5.25 19.91
N LYS A 163 -26.55 4.99 21.21
CA LYS A 163 -26.19 6.04 22.17
C LYS A 163 -24.77 6.55 21.93
N GLN A 164 -23.84 5.65 21.63
CA GLN A 164 -22.47 6.07 21.32
C GLN A 164 -22.41 6.88 20.02
N TYR A 165 -23.15 6.47 18.99
CA TYR A 165 -23.16 7.18 17.71
C TYR A 165 -23.90 8.52 17.79
N ARG A 166 -24.85 8.68 18.71
CA ARG A 166 -25.33 10.02 19.04
C ARG A 166 -24.25 10.83 19.74
N PHE A 167 -23.50 10.18 20.63
CA PHE A 167 -22.54 10.88 21.49
C PHE A 167 -21.32 11.37 20.72
N GLY A 168 -20.92 10.68 19.64
CA GLY A 168 -19.71 10.99 18.93
C GLY A 168 -19.70 12.31 18.20
N PRO A 169 -20.48 12.40 17.11
CA PRO A 169 -20.46 13.62 16.28
C PRO A 169 -20.63 14.92 17.05
N GLY A 170 -21.42 14.93 18.12
CA GLY A 170 -21.50 16.12 18.94
C GLY A 170 -20.17 16.43 19.60
N LEU A 171 -19.52 15.40 20.16
CA LEU A 171 -18.26 15.64 20.85
C LEU A 171 -17.17 16.04 19.87
N TYR A 172 -17.18 15.51 18.65
CA TYR A 172 -16.22 15.95 17.64
C TYR A 172 -16.58 17.32 17.08
N LEU A 173 -17.84 17.72 17.17
CA LEU A 173 -18.19 19.12 16.98
C LEU A 173 -17.61 19.98 18.08
N VAL A 174 -17.51 19.44 19.30
CA VAL A 174 -16.87 20.18 20.39
C VAL A 174 -15.39 20.34 20.11
N ALA A 175 -14.72 19.28 19.66
CA ALA A 175 -13.32 19.39 19.27
C ALA A 175 -13.16 20.32 18.07
N PHE A 176 -14.06 20.19 17.09
CA PHE A 176 -14.03 21.01 15.89
C PHE A 176 -14.16 22.48 16.22
N ALA A 177 -15.13 22.84 17.07
CA ALA A 177 -15.31 24.22 17.47
C ALA A 177 -14.13 24.68 18.32
N LEU A 178 -13.64 23.80 19.18
CA LEU A 178 -12.46 24.12 19.99
C LEU A 178 -11.28 24.50 19.11
N SER A 179 -11.20 23.95 17.89
CA SER A 179 -10.09 24.30 17.00
C SER A 179 -9.95 25.81 16.81
N PHE A 180 -11.06 26.53 16.72
CA PHE A 180 -10.99 27.96 16.44
C PHE A 180 -10.40 28.75 17.62
N ILE A 181 -10.69 28.34 18.85
CA ILE A 181 -10.17 29.05 20.02
C ILE A 181 -8.66 28.82 20.17
N SER A 182 -8.21 27.56 20.09
CA SER A 182 -6.78 27.32 20.14
C SER A 182 -6.47 25.94 19.56
N VAL A 183 -5.36 25.87 18.84
CA VAL A 183 -4.92 24.63 18.23
C VAL A 183 -4.68 23.59 19.31
N TRP A 184 -3.91 23.96 20.33
CA TRP A 184 -3.50 23.02 21.36
C TRP A 184 -4.73 22.35 21.98
N LEU A 185 -5.79 23.12 22.26
CA LEU A 185 -6.99 22.56 22.86
C LEU A 185 -7.73 21.62 21.93
N SER A 186 -7.85 21.97 20.65
CA SER A 186 -8.55 21.07 19.73
C SER A 186 -7.80 19.75 19.55
N VAL A 187 -6.50 19.83 19.26
CA VAL A 187 -5.74 18.60 19.10
C VAL A 187 -5.81 17.79 20.39
N GLY A 188 -5.81 18.48 21.54
CA GLY A 188 -5.92 17.77 22.81
C GLY A 188 -7.19 16.96 22.90
N VAL A 189 -8.33 17.58 22.60
CA VAL A 189 -9.59 16.84 22.67
C VAL A 189 -9.62 15.72 21.62
N CYS A 190 -8.86 15.85 20.53
CA CYS A 190 -8.83 14.73 19.59
C CYS A 190 -8.05 13.55 20.16
N PHE A 191 -6.92 13.82 20.81
CA PHE A 191 -6.12 12.78 21.46
C PHE A 191 -6.91 12.06 22.58
N VAL A 192 -7.43 12.85 23.51
CA VAL A 192 -8.23 12.26 24.58
C VAL A 192 -9.42 11.52 23.98
N LEU A 193 -10.04 12.10 22.95
CA LEU A 193 -11.22 11.50 22.32
C LEU A 193 -10.90 10.17 21.60
N ALA A 194 -9.68 10.02 21.06
CA ALA A 194 -9.28 8.72 20.48
C ALA A 194 -9.09 7.68 21.57
N ILE A 195 -8.51 8.07 22.71
CA ILE A 195 -8.38 7.12 23.81
C ILE A 195 -9.75 6.73 24.38
N TYR A 196 -10.65 7.71 24.50
CA TYR A 196 -11.99 7.46 25.02
C TYR A 196 -12.78 6.55 24.11
N PHE A 197 -12.84 6.88 22.82
CA PHE A 197 -13.58 6.02 21.90
C PHE A 197 -12.97 4.63 21.84
N ALA A 198 -11.64 4.53 21.96
CA ALA A 198 -11.05 3.22 22.08
C ALA A 198 -11.63 2.49 23.28
N LEU A 199 -11.74 3.17 24.42
CA LEU A 199 -12.25 2.46 25.60
C LEU A 199 -13.73 2.08 25.47
N ARG A 200 -14.53 2.88 24.74
CA ARG A 200 -15.97 2.62 24.59
C ARG A 200 -16.31 1.64 23.47
N SER A 201 -15.46 1.49 22.46
CA SER A 201 -15.77 0.55 21.37
C SER A 201 -15.80 -0.88 21.87
N ASN A 202 -15.13 -1.18 22.98
CA ASN A 202 -15.19 -2.50 23.62
C ASN A 202 -14.80 -3.65 22.68
N ALA A 203 -13.58 -3.60 22.14
CA ALA A 203 -13.11 -4.68 21.26
C ALA A 203 -13.26 -6.08 21.87
N GLN B 7 -2.78 -26.24 4.29
CA GLN B 7 -3.94 -25.54 4.82
C GLN B 7 -3.52 -24.32 5.62
N SER B 8 -3.46 -24.41 6.95
CA SER B 8 -3.07 -23.24 7.73
C SER B 8 -1.59 -22.94 7.57
N GLU B 9 -0.75 -23.97 7.58
CA GLU B 9 0.69 -23.74 7.48
C GLU B 9 1.08 -23.19 6.12
N THR B 10 0.54 -23.78 5.05
CA THR B 10 0.80 -23.30 3.70
C THR B 10 -0.17 -22.19 3.28
N GLY B 11 -1.42 -22.26 3.68
CA GLY B 11 -2.35 -21.23 3.29
C GLY B 11 -2.03 -19.89 3.89
N ARG B 12 -1.52 -19.89 5.13
CA ARG B 12 -1.12 -18.62 5.74
C ARG B 12 0.05 -18.00 4.98
N ILE B 13 1.06 -18.79 4.65
CA ILE B 13 2.22 -18.30 3.92
C ILE B 13 1.85 -17.83 2.52
N GLU B 14 1.03 -18.61 1.82
CA GLU B 14 0.59 -18.18 0.50
C GLU B 14 -0.28 -16.92 0.58
N ALA B 15 -1.10 -16.80 1.62
CA ALA B 15 -1.90 -15.59 1.78
C ALA B 15 -1.01 -14.36 1.95
N PHE B 16 -0.06 -14.44 2.89
CA PHE B 16 0.85 -13.33 3.11
C PHE B 16 1.58 -12.96 1.83
N SER B 17 2.07 -13.98 1.12
CA SER B 17 2.80 -13.73 -0.11
C SER B 17 1.92 -13.07 -1.15
N ASP B 18 0.63 -13.47 -1.22
CA ASP B 18 -0.27 -12.82 -2.18
C ASP B 18 -0.43 -11.34 -1.87
N GLY B 19 -0.56 -10.99 -0.60
CA GLY B 19 -0.68 -9.57 -0.27
C GLY B 19 0.55 -8.76 -0.62
N VAL B 20 1.73 -9.25 -0.25
CA VAL B 20 2.97 -8.55 -0.59
C VAL B 20 3.13 -8.41 -2.11
N PHE B 21 2.71 -9.42 -2.88
CA PHE B 21 2.72 -9.30 -4.34
C PHE B 21 1.81 -8.17 -4.80
N ALA B 22 0.55 -8.18 -4.32
CA ALA B 22 -0.41 -7.14 -4.73
C ALA B 22 0.13 -5.75 -4.46
N ILE B 23 0.65 -5.50 -3.24
CA ILE B 23 1.18 -4.18 -2.88
C ILE B 23 2.39 -3.82 -3.71
N ALA B 24 3.27 -4.78 -3.99
CA ALA B 24 4.40 -4.49 -4.89
C ALA B 24 3.90 -4.01 -6.25
N ILE B 25 3.00 -4.78 -6.85
CA ILE B 25 2.48 -4.45 -8.18
C ILE B 25 1.87 -3.05 -8.18
N THR B 26 1.02 -2.74 -7.19
CA THR B 26 0.39 -1.43 -7.20
C THR B 26 1.38 -0.30 -6.89
N LEU B 27 2.38 -0.54 -6.03
CA LEU B 27 3.39 0.50 -5.82
C LEU B 27 4.09 0.92 -7.11
N LEU B 28 4.17 0.02 -8.10
CA LEU B 28 4.79 0.39 -9.37
C LEU B 28 4.32 1.73 -9.90
N VAL B 29 3.02 2.03 -9.76
CA VAL B 29 2.52 3.27 -10.37
C VAL B 29 3.23 4.48 -9.81
N LEU B 30 3.59 4.42 -8.52
CA LEU B 30 4.12 5.62 -7.88
C LEU B 30 5.38 6.10 -8.58
N GLU B 31 6.14 5.18 -9.20
CA GLU B 31 7.39 5.63 -9.82
C GLU B 31 7.11 6.59 -10.99
N ILE B 32 5.97 6.43 -11.68
CA ILE B 32 5.58 7.29 -12.80
C ILE B 32 5.31 8.69 -12.27
N LYS B 33 6.18 9.66 -12.54
CA LYS B 33 6.04 11.00 -11.96
C LYS B 33 5.46 11.99 -12.97
N VAL B 34 4.40 12.71 -12.57
CA VAL B 34 3.79 13.72 -13.46
C VAL B 34 4.84 14.75 -13.88
N PRO B 35 4.90 15.14 -15.16
CA PRO B 35 5.97 16.05 -15.62
C PRO B 35 5.90 17.41 -14.92
N GLN B 36 7.08 17.97 -14.62
CA GLN B 36 7.18 19.22 -13.87
C GLN B 36 6.52 20.37 -14.63
N HIS B 37 6.13 21.43 -13.90
CA HIS B 37 5.48 22.58 -14.54
C HIS B 37 6.43 23.27 -15.52
N LYS B 38 7.73 23.26 -15.20
CA LYS B 38 8.73 23.95 -16.02
C LYS B 38 8.83 23.32 -17.41
N ILE B 39 9.05 22.00 -17.44
CA ILE B 39 9.26 21.28 -18.70
C ILE B 39 8.05 21.44 -19.62
N VAL B 40 6.85 21.27 -19.05
CA VAL B 40 5.61 21.40 -19.81
C VAL B 40 5.43 22.83 -20.32
N GLU B 41 5.83 23.83 -19.52
CA GLU B 41 5.73 25.21 -19.97
C GLU B 41 6.60 25.47 -21.20
N THR B 42 7.80 24.90 -21.27
CA THR B 42 8.58 25.17 -22.47
C THR B 42 8.22 24.28 -23.67
N VAL B 43 8.00 22.97 -23.50
CA VAL B 43 7.82 22.07 -24.65
C VAL B 43 6.39 21.67 -24.89
N GLY B 44 5.48 21.97 -23.97
CA GLY B 44 4.11 21.57 -24.13
C GLY B 44 3.87 20.29 -23.38
N LEU B 45 2.70 20.21 -22.72
CA LEU B 45 2.35 19.03 -21.94
C LEU B 45 2.49 17.77 -22.77
N VAL B 46 2.24 17.88 -24.08
CA VAL B 46 2.24 16.71 -24.96
C VAL B 46 3.66 16.20 -25.17
N SER B 47 4.57 17.07 -25.61
CA SER B 47 5.95 16.63 -25.74
C SER B 47 6.46 16.09 -24.42
N SER B 48 5.93 16.57 -23.29
CA SER B 48 6.35 16.10 -21.97
C SER B 48 5.84 14.68 -21.67
N LEU B 49 4.52 14.50 -21.70
CA LEU B 49 3.90 13.20 -21.42
C LEU B 49 4.42 12.15 -22.38
N LEU B 50 4.76 12.58 -23.58
CA LEU B 50 5.42 11.70 -24.54
C LEU B 50 6.83 11.34 -24.06
N SER B 51 7.63 12.34 -23.66
CA SER B 51 8.98 12.01 -23.21
C SER B 51 8.96 11.07 -22.01
N LEU B 52 7.81 10.94 -21.35
CA LEU B 52 7.64 9.93 -20.28
C LEU B 52 7.56 8.44 -20.79
N TRP B 53 7.77 8.14 -22.08
CA TRP B 53 7.52 6.78 -22.58
C TRP B 53 8.33 5.67 -21.92
N PRO B 54 9.61 5.85 -21.54
CA PRO B 54 10.27 4.73 -20.85
C PRO B 54 9.71 4.47 -19.44
N SER B 55 9.14 5.47 -18.77
CA SER B 55 8.44 5.20 -17.52
C SER B 55 7.23 4.28 -17.76
N TYR B 56 6.42 4.59 -18.78
CA TYR B 56 5.32 3.72 -19.19
C TYR B 56 5.84 2.33 -19.54
N LEU B 57 6.96 2.29 -20.26
CA LEU B 57 7.56 1.03 -20.71
C LEU B 57 7.98 0.18 -19.51
N ALA B 58 8.74 0.80 -18.62
CA ALA B 58 9.25 0.13 -17.43
C ALA B 58 8.12 -0.29 -16.51
N PHE B 59 7.14 0.58 -16.29
CA PHE B 59 5.98 0.23 -15.49
C PHE B 59 5.29 -0.99 -16.08
N LEU B 60 5.05 -0.96 -17.39
CA LEU B 60 4.28 -2.00 -18.06
C LEU B 60 4.98 -3.36 -18.00
N THR B 61 6.24 -3.43 -18.47
CA THR B 61 6.96 -4.72 -18.49
C THR B 61 7.19 -5.26 -17.09
N SER B 62 7.45 -4.37 -16.13
CA SER B 62 7.65 -4.77 -14.74
C SER B 62 6.35 -5.26 -14.08
N PHE B 63 5.22 -4.58 -14.37
CA PHE B 63 3.93 -5.05 -13.88
C PHE B 63 3.65 -6.46 -14.40
N ALA B 64 3.87 -6.62 -15.70
CA ALA B 64 3.62 -7.89 -16.36
C ALA B 64 4.45 -9.00 -15.74
N SER B 65 5.75 -8.76 -15.63
CA SER B 65 6.64 -9.78 -15.08
C SER B 65 6.24 -10.12 -13.65
N ILE B 66 5.90 -9.12 -12.83
CA ILE B 66 5.50 -9.47 -11.46
C ILE B 66 4.22 -10.29 -11.43
N LEU B 67 3.28 -10.03 -12.36
CA LEU B 67 2.11 -10.92 -12.42
C LEU B 67 2.54 -12.35 -12.66
N VAL B 68 3.40 -12.57 -13.66
CA VAL B 68 3.89 -13.93 -13.91
C VAL B 68 4.44 -14.56 -12.63
N MET B 69 5.14 -13.76 -11.84
CA MET B 69 5.65 -14.24 -10.56
C MET B 69 4.53 -14.62 -9.60
N TRP B 70 3.43 -13.88 -9.60
CA TRP B 70 2.31 -14.28 -8.76
C TRP B 70 1.74 -15.61 -9.21
N VAL B 71 1.60 -15.80 -10.54
CA VAL B 71 1.10 -17.07 -11.08
C VAL B 71 2.01 -18.23 -10.69
N ASN B 72 3.31 -18.12 -10.98
CA ASN B 72 4.25 -19.19 -10.64
C ASN B 72 4.25 -19.48 -9.14
N HIS B 73 4.16 -18.43 -8.32
CA HIS B 73 4.13 -18.62 -6.88
C HIS B 73 2.92 -19.44 -6.48
N HIS B 74 1.73 -19.07 -6.99
CA HIS B 74 0.55 -19.86 -6.65
C HIS B 74 0.66 -21.31 -7.12
N ARG B 75 1.23 -21.53 -8.31
CA ARG B 75 1.36 -22.89 -8.82
C ARG B 75 2.21 -23.75 -7.91
N ILE B 76 3.40 -23.26 -7.56
CA ILE B 76 4.26 -23.99 -6.63
C ILE B 76 3.51 -24.28 -5.33
N PHE B 77 2.81 -23.28 -4.80
CA PHE B 77 2.20 -23.47 -3.49
C PHE B 77 1.06 -24.47 -3.52
N SER B 78 0.33 -24.57 -4.63
CA SER B 78 -0.79 -25.52 -4.65
C SER B 78 -0.29 -26.97 -4.48
N LEU B 79 0.92 -27.30 -4.99
CA LEU B 79 1.31 -28.70 -5.14
C LEU B 79 1.59 -29.44 -3.84
N VAL B 80 2.46 -28.92 -2.97
CA VAL B 80 2.80 -29.69 -1.77
C VAL B 80 2.61 -28.80 -0.54
N ALA B 81 2.16 -29.43 0.56
CA ALA B 81 1.69 -28.80 1.79
C ALA B 81 2.66 -28.89 2.96
N ARG B 82 3.73 -29.67 2.84
CA ARG B 82 4.77 -29.60 3.85
C ARG B 82 5.59 -28.34 3.68
N THR B 83 5.82 -27.63 4.78
CA THR B 83 6.67 -26.44 4.80
C THR B 83 7.95 -26.73 5.55
N ASP B 84 9.07 -26.33 5.00
CA ASP B 84 10.30 -26.46 5.76
C ASP B 84 10.70 -25.09 6.29
N HIS B 85 11.58 -25.12 7.29
CA HIS B 85 12.17 -23.91 7.80
C HIS B 85 12.84 -23.15 6.66
N ALA B 86 13.74 -23.84 5.95
CA ALA B 86 14.43 -23.26 4.79
C ALA B 86 13.47 -23.02 3.64
N PHE B 87 12.39 -23.80 3.54
CA PHE B 87 11.37 -23.44 2.57
C PHE B 87 10.77 -22.08 2.92
N PHE B 88 10.38 -21.88 4.19
CA PHE B 88 9.81 -20.59 4.56
C PHE B 88 10.77 -19.44 4.24
N TYR B 89 12.06 -19.63 4.49
CA TYR B 89 13.01 -18.54 4.26
C TYR B 89 13.34 -18.33 2.79
N TRP B 90 13.42 -19.39 1.97
CA TRP B 90 13.58 -19.17 0.54
C TRP B 90 12.41 -18.35 0.00
N ASN B 91 11.19 -18.72 0.40
CA ASN B 91 10.04 -17.89 0.05
C ASN B 91 10.19 -16.44 0.55
N GLY B 92 10.72 -16.25 1.77
CA GLY B 92 10.90 -14.91 2.31
C GLY B 92 11.82 -14.02 1.47
N LEU B 93 12.93 -14.59 1.00
CA LEU B 93 13.76 -13.87 0.05
C LEU B 93 12.98 -13.54 -1.22
N LEU B 94 12.19 -14.51 -1.72
CA LEU B 94 11.45 -14.27 -2.95
C LEU B 94 10.54 -13.06 -2.82
N LEU B 95 9.83 -12.97 -1.70
CA LEU B 95 9.06 -11.76 -1.44
C LEU B 95 9.95 -10.52 -1.41
N MET B 96 11.14 -10.65 -0.81
CA MET B 96 12.01 -9.47 -0.70
C MET B 96 12.40 -8.94 -2.08
N LEU B 97 12.78 -9.83 -2.99
CA LEU B 97 13.15 -9.36 -4.32
C LEU B 97 11.93 -8.82 -5.05
N VAL B 98 10.76 -9.44 -4.85
CA VAL B 98 9.55 -8.89 -5.47
C VAL B 98 9.31 -7.45 -4.97
N THR B 99 9.35 -7.22 -3.65
CA THR B 99 9.13 -5.82 -3.25
C THR B 99 10.27 -4.94 -3.73
N PHE B 100 11.46 -5.49 -3.94
CA PHE B 100 12.56 -4.63 -4.39
C PHE B 100 12.42 -4.18 -5.84
N VAL B 101 11.67 -4.91 -6.67
CA VAL B 101 11.54 -4.62 -8.11
C VAL B 101 11.19 -3.16 -8.46
N PRO B 102 10.35 -2.47 -7.69
CA PRO B 102 10.07 -1.06 -8.02
C PRO B 102 11.29 -0.19 -8.18
N PHE B 103 12.38 -0.40 -7.41
CA PHE B 103 13.52 0.49 -7.54
C PHE B 103 14.20 0.28 -8.88
N PRO B 104 14.72 -0.91 -9.22
CA PRO B 104 15.27 -1.08 -10.57
C PRO B 104 14.32 -0.66 -11.67
N THR B 105 13.01 -0.85 -11.49
CA THR B 105 12.05 -0.25 -12.42
C THR B 105 12.24 1.27 -12.53
N ALA B 106 12.24 1.98 -11.40
CA ALA B 106 12.32 3.43 -11.41
C ALA B 106 13.67 3.89 -11.93
N LEU B 107 14.72 3.24 -11.48
CA LEU B 107 16.06 3.51 -12.01
C LEU B 107 16.05 3.39 -13.52
N LEU B 108 15.46 2.31 -14.03
CA LEU B 108 15.42 2.07 -15.47
C LEU B 108 14.60 3.13 -16.21
N ALA B 109 13.44 3.49 -15.71
CA ALA B 109 12.67 4.52 -16.39
C ALA B 109 13.40 5.86 -16.36
N GLU B 110 14.10 6.12 -15.28
CA GLU B 110 14.75 7.41 -15.16
C GLU B 110 15.94 7.54 -16.10
N TYR B 111 16.74 6.48 -16.26
CA TYR B 111 17.99 6.55 -17.02
C TYR B 111 17.98 5.78 -18.36
N LEU B 112 16.80 5.41 -18.90
CA LEU B 112 16.76 4.61 -20.14
C LEU B 112 17.38 5.34 -21.33
N ILE B 113 17.01 6.61 -21.53
CA ILE B 113 17.53 7.39 -22.65
C ILE B 113 19.00 7.78 -22.46
N HIS B 114 19.48 7.89 -21.21
CA HIS B 114 20.72 8.60 -20.92
C HIS B 114 21.92 7.68 -21.09
N PRO B 115 23.16 8.21 -21.09
CA PRO B 115 24.31 7.40 -21.58
C PRO B 115 24.63 6.19 -20.74
N GLN B 116 24.56 6.33 -19.40
CA GLN B 116 24.87 5.23 -18.49
C GLN B 116 23.70 4.27 -18.36
N ALA B 117 22.78 4.28 -19.34
CA ALA B 117 21.62 3.40 -19.34
C ALA B 117 22.00 1.93 -19.23
N ARG B 118 23.15 1.54 -19.80
CA ARG B 118 23.57 0.14 -19.77
C ARG B 118 23.66 -0.44 -18.36
N VAL B 119 24.05 0.41 -17.39
CA VAL B 119 24.02 0.05 -15.95
C VAL B 119 22.57 -0.14 -15.47
N ALA B 120 21.71 0.82 -15.80
CA ALA B 120 20.32 0.72 -15.40
C ALA B 120 19.74 -0.60 -15.89
N ALA B 121 19.88 -0.85 -17.19
CA ALA B 121 19.41 -2.11 -17.75
C ALA B 121 20.01 -3.29 -17.01
N SER B 122 21.30 -3.24 -16.70
CA SER B 122 21.94 -4.41 -16.07
C SER B 122 21.41 -4.67 -14.67
N VAL B 123 21.16 -3.61 -13.87
CA VAL B 123 20.66 -3.84 -12.52
C VAL B 123 19.19 -4.31 -12.57
N TYR B 124 18.43 -3.83 -13.56
CA TYR B 124 17.07 -4.31 -13.86
C TYR B 124 17.05 -5.82 -14.14
N ALA B 125 17.66 -6.21 -15.26
CA ALA B 125 17.81 -7.64 -15.56
C ALA B 125 18.43 -8.37 -14.39
N GLY B 126 19.23 -7.67 -13.59
CA GLY B 126 19.78 -8.30 -12.41
C GLY B 126 18.68 -8.76 -11.46
N ILE B 127 17.81 -7.84 -11.02
CA ILE B 127 16.77 -8.24 -10.07
C ILE B 127 15.88 -9.32 -10.68
N PHE B 128 15.66 -9.27 -12.01
CA PHE B 128 14.83 -10.30 -12.60
C PHE B 128 15.54 -11.65 -12.64
N LEU B 129 16.79 -11.69 -13.12
CA LEU B 129 17.57 -12.92 -13.04
C LEU B 129 17.59 -13.42 -11.61
N ALA B 130 17.87 -12.53 -10.65
CA ALA B 130 17.98 -12.93 -9.25
C ALA B 130 16.70 -13.58 -8.77
N ILE B 131 15.56 -12.97 -9.09
CA ILE B 131 14.30 -13.62 -8.74
C ILE B 131 14.22 -15.01 -9.37
N ALA B 132 14.57 -15.10 -10.66
CA ALA B 132 14.51 -16.38 -11.37
C ALA B 132 15.32 -17.45 -10.66
N ILE B 133 16.54 -17.11 -10.27
CA ILE B 133 17.41 -18.01 -9.53
C ILE B 133 16.73 -18.42 -8.23
N VAL B 134 16.07 -17.47 -7.57
CA VAL B 134 15.40 -17.79 -6.31
C VAL B 134 14.17 -18.67 -6.51
N PHE B 135 13.42 -18.47 -7.58
CA PHE B 135 12.34 -19.39 -7.94
C PHE B 135 12.89 -20.79 -8.12
N ASN B 136 14.00 -20.89 -8.85
CA ASN B 136 14.69 -22.15 -9.13
C ASN B 136 15.19 -22.84 -7.86
N ARG B 137 15.79 -22.09 -6.94
CA ARG B 137 16.24 -22.70 -5.69
C ARG B 137 15.05 -23.08 -4.83
N LEU B 138 14.09 -22.16 -4.66
CA LEU B 138 12.83 -22.44 -3.96
C LEU B 138 12.20 -23.75 -4.41
N TRP B 139 12.06 -23.94 -5.71
CA TRP B 139 11.49 -25.20 -6.19
C TRP B 139 12.45 -26.36 -5.94
N LYS B 140 13.75 -26.13 -6.11
CA LYS B 140 14.73 -27.21 -5.93
C LYS B 140 14.62 -27.83 -4.54
N HIS B 141 14.31 -27.01 -3.52
CA HIS B 141 14.12 -27.55 -2.18
C HIS B 141 12.91 -28.47 -2.07
N ALA B 142 11.85 -28.25 -2.85
CA ALA B 142 10.68 -29.11 -2.74
C ALA B 142 10.91 -30.52 -3.27
N ALA B 143 11.47 -30.62 -4.48
CA ALA B 143 11.65 -31.92 -5.15
C ALA B 143 12.55 -32.86 -4.35
N THR B 144 13.68 -32.33 -3.86
CA THR B 144 14.63 -33.08 -3.04
C THR B 144 13.99 -33.40 -1.67
N ASP B 154 0.76 -34.68 -9.48
CA ASP B 154 0.76 -34.65 -10.95
C ASP B 154 2.18 -34.68 -11.51
N ARG B 155 2.63 -35.85 -12.00
CA ARG B 155 4.00 -35.96 -12.48
C ARG B 155 4.29 -34.98 -13.59
N HIS B 156 3.32 -34.74 -14.48
CA HIS B 156 3.56 -33.89 -15.64
C HIS B 156 3.73 -32.43 -15.23
N GLU B 157 2.91 -31.97 -14.29
CA GLU B 157 3.07 -30.61 -13.81
C GLU B 157 4.41 -30.43 -13.12
N VAL B 158 4.80 -31.36 -12.24
CA VAL B 158 6.13 -31.32 -11.62
C VAL B 158 7.23 -31.28 -12.66
N ASP B 159 7.12 -32.13 -13.68
CA ASP B 159 8.14 -32.16 -14.73
C ASP B 159 8.20 -30.85 -15.47
N ALA B 160 7.05 -30.36 -15.95
CA ALA B 160 7.04 -29.09 -16.65
C ALA B 160 7.60 -27.97 -15.79
N ILE B 161 7.31 -28.00 -14.48
CA ILE B 161 7.79 -26.95 -13.57
C ILE B 161 9.31 -27.02 -13.38
N THR B 162 9.85 -28.22 -13.11
CA THR B 162 11.30 -28.36 -13.00
C THR B 162 11.99 -27.90 -14.27
N LYS B 163 11.44 -28.31 -15.41
CA LYS B 163 12.00 -27.97 -16.71
C LYS B 163 11.99 -26.47 -16.93
N GLN B 164 10.87 -25.83 -16.57
CA GLN B 164 10.70 -24.40 -16.76
C GLN B 164 11.62 -23.59 -15.84
N TYR B 165 11.68 -23.94 -14.54
CA TYR B 165 12.49 -23.17 -13.61
C TYR B 165 13.96 -23.40 -13.83
N ARG B 166 14.34 -24.48 -14.48
CA ARG B 166 15.72 -24.55 -14.92
C ARG B 166 15.92 -23.80 -16.24
N PHE B 167 14.85 -23.57 -17.01
CA PHE B 167 14.97 -22.82 -18.26
C PHE B 167 15.10 -21.31 -18.03
N GLY B 168 14.55 -20.78 -16.93
CA GLY B 168 14.52 -19.34 -16.69
C GLY B 168 15.86 -18.64 -16.46
N PRO B 169 16.52 -18.96 -15.33
CA PRO B 169 17.75 -18.24 -14.95
C PRO B 169 18.76 -18.09 -16.06
N GLY B 170 18.86 -19.07 -16.95
CA GLY B 170 19.73 -18.91 -18.08
C GLY B 170 19.27 -17.82 -19.03
N LEU B 171 17.99 -17.81 -19.35
CA LEU B 171 17.52 -16.82 -20.30
C LEU B 171 17.60 -15.41 -19.72
N TYR B 172 17.33 -15.27 -18.42
CA TYR B 172 17.51 -13.95 -17.81
C TYR B 172 18.98 -13.62 -17.57
N LEU B 173 19.82 -14.64 -17.50
CA LEU B 173 21.25 -14.42 -17.59
C LEU B 173 21.64 -13.92 -18.97
N VAL B 174 20.93 -14.37 -20.00
CA VAL B 174 21.14 -13.88 -21.35
C VAL B 174 20.74 -12.42 -21.42
N ALA B 175 19.61 -12.07 -20.80
CA ALA B 175 19.22 -10.67 -20.71
C ALA B 175 20.25 -9.88 -19.89
N PHE B 176 20.73 -10.47 -18.79
CA PHE B 176 21.70 -9.81 -17.93
C PHE B 176 22.98 -9.53 -18.70
N ALA B 177 23.47 -10.53 -19.44
CA ALA B 177 24.69 -10.39 -20.24
C ALA B 177 24.47 -9.44 -21.41
N LEU B 178 23.31 -9.58 -22.09
CA LEU B 178 22.95 -8.68 -23.17
C LEU B 178 22.96 -7.23 -22.73
N SER B 179 22.67 -6.96 -21.45
CA SER B 179 22.69 -5.58 -20.98
C SER B 179 24.03 -4.89 -21.30
N PHE B 180 25.16 -5.59 -21.09
CA PHE B 180 26.47 -4.95 -21.20
C PHE B 180 26.75 -4.49 -22.65
N ILE B 181 26.30 -5.26 -23.65
CA ILE B 181 26.50 -4.89 -25.05
C ILE B 181 25.66 -3.65 -25.41
N SER B 182 24.36 -3.66 -25.11
CA SER B 182 23.49 -2.54 -25.45
C SER B 182 22.23 -2.59 -24.60
N VAL B 183 21.74 -1.39 -24.25
CA VAL B 183 20.51 -1.28 -23.47
C VAL B 183 19.31 -1.77 -24.26
N TRP B 184 19.12 -1.26 -25.48
CA TRP B 184 17.92 -1.55 -26.25
C TRP B 184 17.71 -3.06 -26.38
N LEU B 185 18.78 -3.80 -26.66
CA LEU B 185 18.67 -5.24 -26.82
C LEU B 185 18.27 -5.94 -25.52
N SER B 186 18.85 -5.50 -24.39
CA SER B 186 18.51 -6.12 -23.11
C SER B 186 17.07 -5.85 -22.70
N VAL B 187 16.65 -4.58 -22.71
CA VAL B 187 15.26 -4.28 -22.37
C VAL B 187 14.32 -5.00 -23.32
N GLY B 188 14.70 -5.09 -24.59
CA GLY B 188 13.89 -5.83 -25.54
C GLY B 188 13.67 -7.27 -25.12
N VAL B 189 14.76 -7.98 -24.78
CA VAL B 189 14.59 -9.37 -24.36
C VAL B 189 13.87 -9.50 -23.03
N CYS B 190 13.85 -8.45 -22.19
CA CYS B 190 13.00 -8.54 -20.99
C CYS B 190 11.52 -8.38 -21.32
N PHE B 191 11.18 -7.45 -22.22
CA PHE B 191 9.80 -7.31 -22.66
C PHE B 191 9.30 -8.59 -23.35
N VAL B 192 9.96 -8.98 -24.45
CA VAL B 192 9.54 -10.17 -25.16
C VAL B 192 9.64 -11.39 -24.24
N LEU B 193 10.64 -11.40 -23.36
CA LEU B 193 10.78 -12.50 -22.42
C LEU B 193 9.63 -12.54 -21.41
N ALA B 194 9.08 -11.37 -21.05
CA ALA B 194 7.89 -11.32 -20.20
C ALA B 194 6.66 -11.88 -20.93
N ILE B 195 6.52 -11.57 -22.23
CA ILE B 195 5.42 -12.13 -23.03
C ILE B 195 5.56 -13.64 -23.17
N TYR B 196 6.77 -14.11 -23.43
CA TYR B 196 7.00 -15.54 -23.62
C TYR B 196 6.80 -16.32 -22.31
N PHE B 197 7.38 -15.84 -21.22
CA PHE B 197 7.20 -16.48 -19.92
C PHE B 197 5.77 -16.38 -19.42
N ALA B 198 5.07 -15.30 -19.75
CA ALA B 198 3.64 -15.25 -19.49
C ALA B 198 2.94 -16.39 -20.21
N LEU B 199 3.29 -16.60 -21.48
CA LEU B 199 2.64 -17.62 -22.30
C LEU B 199 2.91 -19.04 -21.78
N ARG B 200 4.17 -19.35 -21.46
CA ARG B 200 4.52 -20.70 -21.03
C ARG B 200 4.21 -20.96 -19.57
N SER B 201 3.76 -19.95 -18.83
CA SER B 201 3.46 -20.08 -17.41
C SER B 201 2.20 -20.90 -17.11
N ASN B 202 1.35 -21.19 -18.09
CA ASN B 202 0.11 -21.95 -17.89
C ASN B 202 -0.86 -21.24 -16.93
N ALA B 203 -1.13 -19.96 -17.22
CA ALA B 203 -2.08 -19.14 -16.48
C ALA B 203 -2.07 -19.35 -14.98
N GLN C 7 -11.92 -17.90 17.45
CA GLN C 7 -11.69 -18.37 16.09
C GLN C 7 -12.03 -17.22 15.09
N SER C 8 -13.31 -16.81 14.96
CA SER C 8 -13.61 -15.78 13.97
C SER C 8 -13.09 -14.41 14.38
N GLU C 9 -13.21 -14.04 15.66
CA GLU C 9 -12.65 -12.75 16.09
C GLU C 9 -11.12 -12.74 16.08
N THR C 10 -10.49 -13.82 16.55
CA THR C 10 -9.03 -13.91 16.49
C THR C 10 -8.57 -14.09 15.04
N GLY C 11 -9.35 -14.77 14.22
CA GLY C 11 -8.99 -14.90 12.82
C GLY C 11 -9.16 -13.59 12.06
N ARG C 12 -10.19 -12.82 12.40
CA ARG C 12 -10.36 -11.54 11.76
C ARG C 12 -9.27 -10.57 12.22
N ILE C 13 -9.00 -10.53 13.52
CA ILE C 13 -7.97 -9.64 14.05
C ILE C 13 -6.62 -10.01 13.48
N GLU C 14 -6.31 -11.29 13.46
CA GLU C 14 -5.04 -11.68 12.87
C GLU C 14 -5.00 -11.31 11.39
N ALA C 15 -6.13 -11.43 10.69
CA ALA C 15 -6.15 -11.04 9.29
C ALA C 15 -5.77 -9.56 9.13
N PHE C 16 -6.41 -8.68 9.91
CA PHE C 16 -6.07 -7.26 9.84
C PHE C 16 -4.61 -7.02 10.17
N SER C 17 -4.11 -7.70 11.22
CA SER C 17 -2.71 -7.49 11.60
C SER C 17 -1.77 -7.90 10.49
N ASP C 18 -2.06 -9.02 9.81
CA ASP C 18 -1.19 -9.50 8.73
C ASP C 18 -1.20 -8.56 7.53
N GLY C 19 -2.37 -8.02 7.19
CA GLY C 19 -2.40 -7.04 6.11
C GLY C 19 -1.55 -5.82 6.42
N VAL C 20 -1.63 -5.33 7.66
CA VAL C 20 -0.76 -4.24 8.05
C VAL C 20 0.71 -4.65 7.96
N PHE C 21 1.03 -5.92 8.28
CA PHE C 21 2.42 -6.36 8.13
C PHE C 21 2.84 -6.30 6.67
N ALA C 22 2.03 -6.90 5.78
CA ALA C 22 2.38 -6.94 4.36
C ALA C 22 2.62 -5.54 3.84
N ILE C 23 1.73 -4.59 4.15
CA ILE C 23 1.91 -3.22 3.67
C ILE C 23 3.15 -2.59 4.27
N ALA C 24 3.42 -2.82 5.56
CA ALA C 24 4.63 -2.25 6.15
C ALA C 24 5.87 -2.72 5.41
N ILE C 25 5.96 -4.03 5.21
CA ILE C 25 7.14 -4.59 4.56
C ILE C 25 7.31 -4.02 3.15
N THR C 26 6.24 -4.00 2.35
CA THR C 26 6.41 -3.47 1.00
C THR C 26 6.69 -1.97 1.01
N LEU C 27 6.09 -1.20 1.94
CA LEU C 27 6.39 0.24 1.95
C LEU C 27 7.88 0.50 2.08
N LEU C 28 8.61 -0.43 2.71
CA LEU C 28 10.07 -0.31 2.85
C LEU C 28 10.83 0.09 1.56
N VAL C 29 10.40 -0.36 0.38
CA VAL C 29 11.13 -0.07 -0.86
C VAL C 29 11.19 1.41 -1.18
N LEU C 30 10.16 2.17 -0.79
CA LEU C 30 10.03 3.55 -1.27
C LEU C 30 11.21 4.43 -0.82
N GLU C 31 11.79 4.09 0.34
CA GLU C 31 12.90 4.87 0.90
C GLU C 31 14.20 4.74 0.07
N ILE C 32 14.42 3.61 -0.65
CA ILE C 32 15.54 3.56 -1.60
C ILE C 32 15.27 4.49 -2.76
N LYS C 33 15.93 5.64 -2.79
CA LYS C 33 15.61 6.66 -3.77
C LYS C 33 16.60 6.58 -4.91
N VAL C 34 16.07 6.45 -6.11
CA VAL C 34 16.92 6.41 -7.29
C VAL C 34 17.80 7.65 -7.29
N PRO C 35 19.11 7.51 -7.51
CA PRO C 35 20.02 8.66 -7.37
C PRO C 35 19.71 9.80 -8.33
N GLN C 36 19.88 11.02 -7.82
CA GLN C 36 19.50 12.23 -8.55
C GLN C 36 20.33 12.40 -9.84
N HIS C 37 19.79 13.21 -10.75
CA HIS C 37 20.45 13.42 -12.05
C HIS C 37 21.79 14.13 -11.88
N LYS C 38 21.86 15.10 -10.96
CA LYS C 38 23.07 15.91 -10.79
C LYS C 38 24.25 15.07 -10.29
N ILE C 39 24.04 14.37 -9.18
CA ILE C 39 25.09 13.59 -8.54
C ILE C 39 25.63 12.57 -9.53
N VAL C 40 24.74 11.87 -10.23
CA VAL C 40 25.14 10.88 -11.23
C VAL C 40 25.90 11.55 -12.37
N GLU C 41 25.55 12.79 -12.73
CA GLU C 41 26.16 13.46 -13.89
C GLU C 41 27.61 13.88 -13.62
N THR C 42 27.93 14.28 -12.39
CA THR C 42 29.35 14.51 -12.13
C THR C 42 30.10 13.21 -11.82
N VAL C 43 29.54 12.29 -11.00
CA VAL C 43 30.34 11.17 -10.50
C VAL C 43 30.06 9.84 -11.17
N GLY C 44 29.02 9.72 -11.99
CA GLY C 44 28.76 8.44 -12.63
C GLY C 44 27.72 7.59 -11.91
N LEU C 45 26.86 6.90 -12.68
CA LEU C 45 25.77 6.13 -12.08
C LEU C 45 26.26 5.07 -11.09
N VAL C 46 27.42 4.46 -11.38
CA VAL C 46 27.85 3.30 -10.58
C VAL C 46 28.28 3.72 -9.19
N SER C 47 29.17 4.72 -9.10
CA SER C 47 29.56 5.23 -7.79
C SER C 47 28.34 5.71 -7.01
N SER C 48 27.30 6.12 -7.71
CA SER C 48 26.08 6.55 -7.05
C SER C 48 25.27 5.36 -6.50
N LEU C 49 24.96 4.39 -7.35
CA LEU C 49 24.27 3.17 -6.93
C LEU C 49 25.04 2.42 -5.86
N LEU C 50 26.36 2.52 -5.87
CA LEU C 50 27.15 1.98 -4.77
C LEU C 50 27.01 2.84 -3.52
N SER C 51 27.12 4.15 -3.65
CA SER C 51 27.02 4.98 -2.46
C SER C 51 25.68 4.79 -1.75
N LEU C 52 24.65 4.29 -2.48
CA LEU C 52 23.32 3.92 -1.94
C LEU C 52 23.31 2.67 -1.05
N TRP C 53 24.47 2.06 -0.80
CA TRP C 53 24.49 0.79 -0.08
C TRP C 53 23.92 0.82 1.34
N PRO C 54 24.03 1.89 2.14
CA PRO C 54 23.40 1.83 3.45
C PRO C 54 21.90 1.74 3.34
N SER C 55 21.33 2.24 2.23
CA SER C 55 19.91 2.04 1.95
C SER C 55 19.59 0.56 1.76
N TYR C 56 20.40 -0.13 0.94
CA TYR C 56 20.25 -1.58 0.78
C TYR C 56 20.38 -2.27 2.13
N LEU C 57 21.31 -1.80 2.96
CA LEU C 57 21.57 -2.42 4.27
C LEU C 57 20.38 -2.29 5.20
N ALA C 58 19.90 -1.05 5.38
CA ALA C 58 18.76 -0.81 6.26
C ALA C 58 17.51 -1.49 5.74
N PHE C 59 17.28 -1.46 4.43
CA PHE C 59 16.15 -2.18 3.82
C PHE C 59 16.23 -3.68 4.07
N LEU C 60 17.39 -4.28 3.85
CA LEU C 60 17.55 -5.71 4.01
C LEU C 60 17.30 -6.12 5.47
N THR C 61 18.00 -5.47 6.42
CA THR C 61 17.80 -5.84 7.82
C THR C 61 16.37 -5.57 8.28
N SER C 62 15.76 -4.46 7.84
CA SER C 62 14.38 -4.20 8.25
C SER C 62 13.38 -5.15 7.60
N PHE C 63 13.58 -5.49 6.34
CA PHE C 63 12.71 -6.48 5.72
C PHE C 63 12.77 -7.80 6.47
N ALA C 64 13.98 -8.29 6.68
CA ALA C 64 14.13 -9.56 7.35
C ALA C 64 13.51 -9.50 8.74
N SER C 65 13.87 -8.47 9.49
CA SER C 65 13.33 -8.34 10.83
C SER C 65 11.81 -8.27 10.83
N ILE C 66 11.22 -7.51 9.89
CA ILE C 66 9.75 -7.47 9.89
C ILE C 66 9.13 -8.82 9.55
N LEU C 67 9.77 -9.60 8.68
CA LEU C 67 9.30 -10.96 8.44
C LEU C 67 9.24 -11.73 9.75
N VAL C 68 10.32 -11.64 10.53
CA VAL C 68 10.36 -12.31 11.81
C VAL C 68 9.19 -11.87 12.68
N MET C 69 8.91 -10.57 12.72
CA MET C 69 7.79 -10.10 13.55
C MET C 69 6.48 -10.67 13.06
N TRP C 70 6.38 -10.85 11.75
CA TRP C 70 5.18 -11.45 11.24
C TRP C 70 5.02 -12.87 11.79
N VAL C 71 6.07 -13.69 11.69
CA VAL C 71 5.94 -15.06 12.19
C VAL C 71 5.68 -15.09 13.69
N ASN C 72 6.43 -14.32 14.47
CA ASN C 72 6.18 -14.33 15.91
C ASN C 72 4.75 -13.90 16.25
N HIS C 73 4.24 -12.90 15.52
CA HIS C 73 2.85 -12.50 15.71
C HIS C 73 1.93 -13.68 15.48
N HIS C 74 2.15 -14.37 14.36
CA HIS C 74 1.34 -15.54 14.04
C HIS C 74 1.39 -16.62 15.12
N ARG C 75 2.57 -16.86 15.70
CA ARG C 75 2.70 -17.85 16.77
C ARG C 75 1.88 -17.46 18.00
N ILE C 76 2.04 -16.22 18.49
CA ILE C 76 1.24 -15.79 19.64
C ILE C 76 -0.23 -16.02 19.35
N PHE C 77 -0.68 -15.66 18.15
CA PHE C 77 -2.12 -15.73 17.89
C PHE C 77 -2.64 -17.15 17.81
N SER C 78 -1.89 -18.07 17.18
CA SER C 78 -2.43 -19.41 16.99
C SER C 78 -2.66 -20.12 18.33
N LEU C 79 -1.78 -19.89 19.30
CA LEU C 79 -1.71 -20.73 20.50
C LEU C 79 -2.95 -20.58 21.36
N VAL C 80 -3.32 -19.36 21.71
CA VAL C 80 -4.56 -19.19 22.48
C VAL C 80 -5.38 -18.16 21.74
N ALA C 81 -6.67 -18.49 21.57
CA ALA C 81 -7.67 -17.71 20.84
C ALA C 81 -8.78 -17.31 21.83
N ARG C 82 -8.59 -16.19 22.54
CA ARG C 82 -9.63 -15.55 23.36
C ARG C 82 -9.31 -14.06 23.48
N THR C 83 -10.01 -13.18 22.74
CA THR C 83 -9.65 -11.75 22.74
C THR C 83 -10.23 -11.00 23.93
N ASP C 84 -9.38 -10.19 24.58
CA ASP C 84 -9.73 -9.19 25.57
C ASP C 84 -9.57 -7.82 24.93
N HIS C 85 -10.15 -6.81 25.57
CA HIS C 85 -9.92 -5.44 25.13
C HIS C 85 -8.44 -5.09 25.22
N ALA C 86 -7.83 -5.31 26.39
CA ALA C 86 -6.42 -4.95 26.60
C ALA C 86 -5.47 -5.77 25.72
N PHE C 87 -5.78 -7.04 25.46
CA PHE C 87 -4.99 -7.79 24.47
C PHE C 87 -5.15 -7.16 23.10
N PHE C 88 -6.39 -6.80 22.72
CA PHE C 88 -6.60 -6.14 21.44
C PHE C 88 -5.74 -4.90 21.32
N TYR C 89 -5.61 -4.14 22.42
CA TYR C 89 -4.85 -2.89 22.41
C TYR C 89 -3.34 -3.11 22.44
N TRP C 90 -2.86 -4.15 23.13
CA TRP C 90 -1.44 -4.50 23.02
C TRP C 90 -1.07 -4.88 21.61
N ASN C 91 -1.90 -5.70 20.99
CA ASN C 91 -1.74 -5.95 19.57
C ASN C 91 -1.79 -4.66 18.76
N GLY C 92 -2.68 -3.74 19.12
CA GLY C 92 -2.80 -2.51 18.37
C GLY C 92 -1.53 -1.66 18.40
N LEU C 93 -0.96 -1.50 19.59
CA LEU C 93 0.32 -0.79 19.69
C LEU C 93 1.37 -1.49 18.85
N LEU C 94 1.38 -2.84 18.87
CA LEU C 94 2.34 -3.62 18.08
C LEU C 94 2.21 -3.33 16.58
N LEU C 95 0.97 -3.21 16.08
CA LEU C 95 0.78 -2.75 14.71
C LEU C 95 1.34 -1.34 14.49
N MET C 96 1.14 -0.43 15.45
CA MET C 96 1.63 0.95 15.26
C MET C 96 3.15 1.02 15.12
N LEU C 97 3.87 0.30 15.97
CA LEU C 97 5.31 0.36 15.86
C LEU C 97 5.75 -0.30 14.57
N VAL C 98 5.11 -1.42 14.19
CA VAL C 98 5.48 -2.03 12.91
C VAL C 98 5.25 -1.06 11.75
N THR C 99 4.09 -0.37 11.72
CA THR C 99 3.92 0.64 10.68
C THR C 99 4.95 1.76 10.82
N PHE C 100 5.46 1.99 12.02
CA PHE C 100 6.44 3.05 12.22
C PHE C 100 7.82 2.64 11.72
N VAL C 101 8.09 1.36 11.51
CA VAL C 101 9.44 0.87 11.12
C VAL C 101 10.08 1.59 9.91
N PRO C 102 9.32 1.90 8.85
CA PRO C 102 9.95 2.60 7.72
C PRO C 102 10.71 3.87 8.09
N PHE C 103 10.20 4.69 9.00
CA PHE C 103 10.90 5.96 9.30
C PHE C 103 12.28 5.68 9.91
N PRO C 104 12.40 5.00 11.06
CA PRO C 104 13.76 4.69 11.54
C PRO C 104 14.60 4.00 10.51
N THR C 105 14.01 3.19 9.63
CA THR C 105 14.78 2.61 8.53
C THR C 105 15.39 3.68 7.63
N ALA C 106 14.61 4.67 7.19
CA ALA C 106 15.17 5.68 6.30
C ALA C 106 16.18 6.57 7.02
N LEU C 107 15.85 7.00 8.23
CA LEU C 107 16.81 7.78 9.01
C LEU C 107 18.14 7.03 9.09
N LEU C 108 18.08 5.73 9.41
CA LEU C 108 19.28 4.91 9.50
C LEU C 108 20.00 4.80 8.15
N ALA C 109 19.27 4.59 7.05
CA ALA C 109 19.94 4.47 5.76
C ALA C 109 20.63 5.77 5.38
N GLU C 110 19.96 6.89 5.65
CA GLU C 110 20.48 8.17 5.22
C GLU C 110 21.73 8.62 5.99
N TYR C 111 21.77 8.42 7.31
CA TYR C 111 22.86 8.98 8.09
C TYR C 111 23.89 7.96 8.55
N LEU C 112 23.92 6.75 7.98
CA LEU C 112 24.91 5.78 8.44
C LEU C 112 26.33 6.32 8.20
N ILE C 113 26.58 6.84 7.00
CA ILE C 113 27.90 7.34 6.63
C ILE C 113 28.32 8.59 7.43
N HIS C 114 27.37 9.38 7.96
CA HIS C 114 27.62 10.74 8.46
C HIS C 114 28.03 10.71 9.93
N PRO C 115 28.51 11.87 10.48
CA PRO C 115 29.10 11.87 11.83
C PRO C 115 28.10 11.61 12.97
N GLN C 116 26.92 12.25 12.93
CA GLN C 116 25.92 11.96 13.95
C GLN C 116 25.10 10.73 13.61
N ALA C 117 25.70 9.79 12.87
CA ALA C 117 25.03 8.55 12.58
C ALA C 117 24.48 7.93 13.84
N ARG C 118 25.22 8.05 14.96
CA ARG C 118 24.85 7.41 16.21
C ARG C 118 23.42 7.73 16.62
N VAL C 119 22.92 8.94 16.33
CA VAL C 119 21.53 9.27 16.63
C VAL C 119 20.58 8.43 15.77
N ALA C 120 20.85 8.38 14.46
CA ALA C 120 20.03 7.55 13.59
C ALA C 120 20.07 6.11 14.07
N ALA C 121 21.27 5.56 14.25
CA ALA C 121 21.40 4.16 14.68
C ALA C 121 20.62 3.91 15.97
N SER C 122 20.77 4.78 16.96
CA SER C 122 20.07 4.51 18.20
C SER C 122 18.55 4.61 18.01
N VAL C 123 18.06 5.54 17.18
CA VAL C 123 16.60 5.56 17.03
C VAL C 123 16.12 4.29 16.31
N TYR C 124 16.93 3.74 15.41
CA TYR C 124 16.67 2.45 14.76
C TYR C 124 16.51 1.30 15.76
N ALA C 125 17.62 0.91 16.41
CA ALA C 125 17.53 -0.14 17.42
C ALA C 125 16.49 0.19 18.46
N GLY C 126 16.24 1.47 18.70
CA GLY C 126 15.21 1.85 19.64
C GLY C 126 13.85 1.32 19.25
N ILE C 127 13.41 1.62 18.01
CA ILE C 127 12.08 1.11 17.64
C ILE C 127 12.08 -0.41 17.73
N PHE C 128 13.21 -1.05 17.39
CA PHE C 128 13.22 -2.52 17.41
C PHE C 128 13.07 -3.06 18.85
N LEU C 129 13.88 -2.55 19.77
CA LEU C 129 13.74 -2.91 21.17
C LEU C 129 12.31 -2.65 21.65
N ALA C 130 11.74 -1.50 21.28
CA ALA C 130 10.40 -1.14 21.70
C ALA C 130 9.39 -2.18 21.23
N ILE C 131 9.53 -2.63 19.99
CA ILE C 131 8.67 -3.71 19.52
C ILE C 131 8.89 -4.94 20.41
N ALA C 132 10.15 -5.26 20.70
CA ALA C 132 10.45 -6.41 21.55
C ALA C 132 9.67 -6.34 22.86
N ILE C 133 9.72 -5.19 23.53
CA ILE C 133 8.94 -4.99 24.74
C ILE C 133 7.47 -5.22 24.47
N VAL C 134 6.97 -4.72 23.34
CA VAL C 134 5.53 -4.86 23.12
C VAL C 134 5.17 -6.31 22.90
N PHE C 135 5.97 -7.05 22.13
CA PHE C 135 5.78 -8.50 22.00
C PHE C 135 5.76 -9.17 23.37
N ASN C 136 6.69 -8.77 24.24
CA ASN C 136 6.78 -9.31 25.59
C ASN C 136 5.49 -9.10 26.38
N ARG C 137 4.92 -7.90 26.34
CA ARG C 137 3.70 -7.70 27.09
C ARG C 137 2.50 -8.33 26.38
N LEU C 138 2.47 -8.24 25.05
CA LEU C 138 1.44 -8.92 24.29
C LEU C 138 1.29 -10.35 24.74
N TRP C 139 2.40 -11.09 24.75
CA TRP C 139 2.38 -12.50 25.13
C TRP C 139 2.12 -12.69 26.62
N LYS C 140 2.72 -11.85 27.47
CA LYS C 140 2.45 -11.96 28.91
C LYS C 140 0.96 -11.83 29.21
N HIS C 141 0.19 -11.16 28.33
CA HIS C 141 -1.27 -11.14 28.52
C HIS C 141 -1.85 -12.55 28.58
N ALA C 142 -1.17 -13.53 27.98
CA ALA C 142 -1.63 -14.92 28.07
C ALA C 142 -1.53 -15.50 29.49
N ALA C 143 -0.42 -15.24 30.21
CA ALA C 143 -0.22 -15.79 31.55
C ALA C 143 -1.29 -15.31 32.54
N THR C 144 -1.46 -13.98 32.65
CA THR C 144 -2.51 -13.33 33.45
C THR C 144 -3.86 -13.46 32.72
N ASP C 154 -0.52 -26.18 23.30
CA ASP C 154 -0.04 -26.96 24.43
C ASP C 154 0.79 -26.12 25.41
N ARG C 155 1.31 -26.75 26.47
CA ARG C 155 1.96 -26.07 27.61
C ARG C 155 3.49 -25.99 27.45
N HIS C 156 4.08 -27.05 26.91
CA HIS C 156 5.52 -27.14 26.75
C HIS C 156 6.06 -26.00 25.90
N GLU C 157 5.34 -25.67 24.80
CA GLU C 157 5.74 -24.58 23.92
C GLU C 157 5.64 -23.22 24.58
N VAL C 158 4.54 -23.00 25.29
CA VAL C 158 4.30 -21.78 26.05
C VAL C 158 5.52 -21.43 26.90
N ASP C 159 6.12 -22.43 27.53
CA ASP C 159 7.32 -22.15 28.33
C ASP C 159 8.46 -21.58 27.48
N ALA C 160 8.76 -22.23 26.34
CA ALA C 160 9.82 -21.76 25.45
C ALA C 160 9.56 -20.35 24.95
N ILE C 161 8.29 -20.04 24.67
CA ILE C 161 7.96 -18.71 24.15
C ILE C 161 8.18 -17.65 25.20
N THR C 162 7.69 -17.87 26.42
CA THR C 162 7.97 -16.90 27.47
C THR C 162 9.46 -16.71 27.64
N LYS C 163 10.24 -17.80 27.55
CA LYS C 163 11.69 -17.62 27.69
C LYS C 163 12.28 -16.79 26.55
N GLN C 164 11.86 -17.05 25.31
CA GLN C 164 12.40 -16.29 24.17
C GLN C 164 11.95 -14.83 24.20
N TYR C 165 10.68 -14.57 24.49
CA TYR C 165 10.15 -13.20 24.51
C TYR C 165 10.67 -12.40 25.70
N ARG C 166 10.91 -13.06 26.82
CA ARG C 166 11.63 -12.36 27.89
C ARG C 166 13.09 -12.17 27.50
N PHE C 167 13.57 -12.97 26.56
CA PHE C 167 14.97 -13.02 26.16
C PHE C 167 15.35 -11.96 25.12
N GLY C 168 14.42 -11.54 24.29
CA GLY C 168 14.71 -10.60 23.22
C GLY C 168 15.04 -9.20 23.71
N PRO C 169 14.06 -8.55 24.32
CA PRO C 169 14.20 -7.13 24.72
C PRO C 169 15.49 -6.78 25.42
N GLY C 170 16.04 -7.68 26.22
CA GLY C 170 17.36 -7.42 26.78
C GLY C 170 18.44 -7.39 25.72
N LEU C 171 18.41 -8.34 24.79
CA LEU C 171 19.45 -8.36 23.79
C LEU C 171 19.37 -7.14 22.88
N TYR C 172 18.16 -6.67 22.58
CA TYR C 172 18.07 -5.41 21.83
C TYR C 172 18.40 -4.20 22.69
N LEU C 173 18.29 -4.32 24.01
CA LEU C 173 18.89 -3.32 24.87
C LEU C 173 20.40 -3.31 24.70
N VAL C 174 20.98 -4.48 24.44
CA VAL C 174 22.41 -4.55 24.18
C VAL C 174 22.74 -3.87 22.85
N ALA C 175 21.98 -4.17 21.80
CA ALA C 175 22.23 -3.50 20.54
C ALA C 175 22.05 -2.00 20.71
N PHE C 176 21.00 -1.62 21.43
CA PHE C 176 20.68 -0.22 21.68
C PHE C 176 21.81 0.49 22.42
N ALA C 177 22.32 -0.12 23.49
CA ALA C 177 23.42 0.51 24.21
C ALA C 177 24.66 0.55 23.32
N LEU C 178 24.87 -0.51 22.55
CA LEU C 178 25.96 -0.52 21.59
C LEU C 178 25.92 0.65 20.63
N SER C 179 24.73 1.18 20.31
CA SER C 179 24.69 2.34 19.41
C SER C 179 25.57 3.48 19.91
N PHE C 180 25.52 3.75 21.22
CA PHE C 180 26.23 4.90 21.77
C PHE C 180 27.74 4.76 21.61
N ILE C 181 28.28 3.54 21.77
CA ILE C 181 29.71 3.38 21.58
C ILE C 181 30.07 3.57 20.11
N SER C 182 29.35 2.89 19.21
CA SER C 182 29.65 3.06 17.82
C SER C 182 28.45 2.63 17.00
N VAL C 183 28.26 3.31 15.88
CA VAL C 183 27.19 2.97 14.95
C VAL C 183 27.42 1.58 14.40
N TRP C 184 28.64 1.31 13.93
CA TRP C 184 28.93 0.04 13.24
C TRP C 184 28.56 -1.15 14.11
N LEU C 185 28.92 -1.14 15.39
CA LEU C 185 28.56 -2.26 16.24
C LEU C 185 27.07 -2.37 16.44
N SER C 186 26.36 -1.24 16.56
CA SER C 186 24.92 -1.33 16.78
C SER C 186 24.18 -1.88 15.58
N VAL C 187 24.40 -1.29 14.39
CA VAL C 187 23.71 -1.82 13.22
C VAL C 187 24.17 -3.25 12.96
N GLY C 188 25.45 -3.55 13.19
CA GLY C 188 25.90 -4.92 12.97
C GLY C 188 25.12 -5.91 13.82
N VAL C 189 25.09 -5.67 15.13
CA VAL C 189 24.36 -6.58 16.01
C VAL C 189 22.87 -6.57 15.73
N CYS C 190 22.33 -5.53 15.10
CA CYS C 190 20.95 -5.65 14.62
C CYS C 190 20.86 -6.59 13.43
N PHE C 191 21.86 -6.57 12.55
CA PHE C 191 21.88 -7.51 11.44
C PHE C 191 21.90 -8.94 11.95
N VAL C 192 22.94 -9.26 12.72
CA VAL C 192 23.08 -10.59 13.26
C VAL C 192 21.87 -10.93 14.13
N LEU C 193 21.35 -9.95 14.86
CA LEU C 193 20.15 -10.19 15.67
C LEU C 193 18.91 -10.53 14.82
N ALA C 194 18.79 -9.96 13.62
CA ALA C 194 17.68 -10.29 12.73
C ALA C 194 17.81 -11.71 12.19
N ILE C 195 19.02 -12.10 11.78
CA ILE C 195 19.23 -13.46 11.31
C ILE C 195 18.97 -14.46 12.44
N TYR C 196 19.52 -14.17 13.62
CA TYR C 196 19.45 -15.07 14.76
C TYR C 196 18.02 -15.28 15.20
N PHE C 197 17.29 -14.19 15.38
CA PHE C 197 15.89 -14.34 15.77
C PHE C 197 15.08 -15.04 14.70
N ALA C 198 15.47 -14.91 13.42
CA ALA C 198 14.82 -15.74 12.41
C ALA C 198 14.98 -17.22 12.75
N LEU C 199 16.20 -17.63 13.10
CA LEU C 199 16.41 -19.05 13.38
C LEU C 199 15.73 -19.51 14.67
N ARG C 200 15.85 -18.73 15.76
CA ARG C 200 15.28 -19.18 17.03
C ARG C 200 13.75 -19.18 17.03
N SER C 201 13.12 -18.42 16.12
CA SER C 201 11.66 -18.36 16.02
C SER C 201 11.05 -19.63 15.48
N ASN C 202 11.88 -20.53 14.92
CA ASN C 202 11.44 -21.84 14.44
C ASN C 202 10.38 -21.70 13.32
N ALA C 203 10.71 -20.88 12.32
CA ALA C 203 9.85 -20.61 11.17
C ALA C 203 9.46 -21.87 10.37
N GLN D 7 -14.35 -23.11 -8.46
CA GLN D 7 -14.84 -22.18 -7.45
C GLN D 7 -13.63 -21.57 -6.68
N SER D 8 -12.79 -22.41 -6.08
CA SER D 8 -11.68 -21.91 -5.27
C SER D 8 -10.66 -21.14 -6.10
N GLU D 9 -10.37 -21.61 -7.31
CA GLU D 9 -9.39 -20.91 -8.16
C GLU D 9 -9.91 -19.55 -8.61
N THR D 10 -11.19 -19.46 -8.98
CA THR D 10 -11.74 -18.16 -9.34
C THR D 10 -11.79 -17.25 -8.13
N GLY D 11 -12.02 -17.81 -6.95
CA GLY D 11 -11.98 -17.02 -5.72
C GLY D 11 -10.59 -16.51 -5.41
N ARG D 12 -9.56 -17.28 -5.81
CA ARG D 12 -8.17 -16.87 -5.70
C ARG D 12 -7.82 -15.71 -6.65
N ILE D 13 -8.19 -15.83 -7.94
CA ILE D 13 -7.94 -14.72 -8.87
C ILE D 13 -8.77 -13.50 -8.49
N GLU D 14 -10.04 -13.70 -8.15
CA GLU D 14 -10.84 -12.56 -7.71
C GLU D 14 -10.25 -11.96 -6.45
N ALA D 15 -9.74 -12.79 -5.54
CA ALA D 15 -9.15 -12.26 -4.32
C ALA D 15 -7.99 -11.33 -4.63
N PHE D 16 -7.06 -11.80 -5.46
CA PHE D 16 -5.93 -10.95 -5.82
C PHE D 16 -6.40 -9.64 -6.47
N SER D 17 -7.41 -9.71 -7.35
CA SER D 17 -7.91 -8.50 -8.01
C SER D 17 -8.56 -7.52 -7.02
N ASP D 18 -9.28 -8.03 -6.02
CA ASP D 18 -9.89 -7.17 -5.01
C ASP D 18 -8.83 -6.44 -4.16
N GLY D 19 -7.75 -7.15 -3.82
CA GLY D 19 -6.66 -6.48 -3.11
C GLY D 19 -6.01 -5.37 -3.91
N VAL D 20 -5.73 -5.62 -5.21
CA VAL D 20 -5.17 -4.56 -6.06
C VAL D 20 -6.13 -3.35 -6.13
N PHE D 21 -7.44 -3.60 -6.10
CA PHE D 21 -8.42 -2.50 -6.02
C PHE D 21 -8.29 -1.72 -4.72
N ALA D 22 -8.21 -2.43 -3.59
CA ALA D 22 -8.09 -1.74 -2.29
C ALA D 22 -6.87 -0.84 -2.28
N ILE D 23 -5.71 -1.36 -2.70
CA ILE D 23 -4.48 -0.56 -2.70
C ILE D 23 -4.55 0.58 -3.69
N ALA D 24 -5.11 0.36 -4.88
CA ALA D 24 -5.22 1.45 -5.86
C ALA D 24 -6.06 2.62 -5.31
N ILE D 25 -7.25 2.29 -4.81
CA ILE D 25 -8.16 3.31 -4.31
C ILE D 25 -7.51 4.10 -3.17
N THR D 26 -6.86 3.39 -2.23
CA THR D 26 -6.20 4.09 -1.14
C THR D 26 -5.00 4.87 -1.62
N LEU D 27 -4.26 4.40 -2.63
CA LEU D 27 -3.12 5.19 -3.07
C LEU D 27 -3.52 6.58 -3.52
N LEU D 28 -4.75 6.72 -4.06
CA LEU D 28 -5.24 8.02 -4.54
C LEU D 28 -4.96 9.20 -3.59
N VAL D 29 -5.03 8.98 -2.27
CA VAL D 29 -4.85 10.07 -1.31
C VAL D 29 -3.49 10.75 -1.48
N LEU D 30 -2.50 9.97 -1.91
CA LEU D 30 -1.13 10.46 -2.01
C LEU D 30 -0.99 11.59 -3.04
N GLU D 31 -1.84 11.62 -4.07
CA GLU D 31 -1.72 12.67 -5.07
C GLU D 31 -1.99 14.05 -4.48
N ILE D 32 -2.92 14.13 -3.53
CA ILE D 32 -3.24 15.41 -2.88
C ILE D 32 -2.05 15.90 -2.09
N LYS D 33 -1.41 16.96 -2.54
CA LYS D 33 -0.14 17.39 -1.96
C LYS D 33 -0.43 18.50 -0.96
N VAL D 34 0.07 18.34 0.26
CA VAL D 34 -0.11 19.40 1.25
C VAL D 34 0.49 20.69 0.70
N PRO D 35 -0.16 21.84 0.85
CA PRO D 35 0.37 23.07 0.27
C PRO D 35 1.74 23.45 0.82
N GLN D 36 2.57 23.98 -0.08
CA GLN D 36 3.96 24.28 0.22
C GLN D 36 4.09 25.37 1.29
N HIS D 37 5.22 25.35 1.99
CA HIS D 37 5.47 26.35 3.02
C HIS D 37 5.59 27.74 2.41
N LYS D 38 6.21 27.83 1.22
CA LYS D 38 6.44 29.13 0.57
C LYS D 38 5.13 29.78 0.11
N ILE D 39 4.34 29.05 -0.68
CA ILE D 39 3.09 29.59 -1.21
C ILE D 39 2.11 29.92 -0.09
N VAL D 40 2.00 29.00 0.88
CA VAL D 40 1.15 29.26 2.05
C VAL D 40 1.71 30.44 2.84
N GLU D 41 3.03 30.62 2.82
CA GLU D 41 3.68 31.70 3.57
C GLU D 41 3.32 33.06 3.02
N THR D 42 3.24 33.20 1.69
CA THR D 42 2.80 34.51 1.20
C THR D 42 1.27 34.64 1.18
N VAL D 43 0.49 33.60 0.81
CA VAL D 43 -0.94 33.77 0.59
C VAL D 43 -1.84 33.19 1.68
N GLY D 44 -1.32 32.38 2.61
CA GLY D 44 -2.18 31.84 3.66
C GLY D 44 -2.69 30.42 3.48
N LEU D 45 -2.73 29.66 4.58
CA LEU D 45 -3.13 28.26 4.47
C LEU D 45 -4.50 28.13 3.84
N VAL D 46 -5.41 29.09 4.09
CA VAL D 46 -6.79 28.94 3.62
C VAL D 46 -6.89 29.07 2.11
N SER D 47 -6.36 30.16 1.56
CA SER D 47 -6.36 30.29 0.10
C SER D 47 -5.60 29.14 -0.55
N SER D 48 -4.60 28.58 0.12
CA SER D 48 -3.89 27.48 -0.51
C SER D 48 -4.73 26.18 -0.51
N LEU D 49 -5.16 25.74 0.67
CA LEU D 49 -6.00 24.55 0.77
C LEU D 49 -7.23 24.67 -0.10
N LEU D 50 -7.68 25.89 -0.34
CA LEU D 50 -8.74 26.07 -1.32
C LEU D 50 -8.24 25.87 -2.74
N SER D 51 -7.11 26.48 -3.09
CA SER D 51 -6.61 26.36 -4.47
C SER D 51 -6.36 24.91 -4.84
N LEU D 52 -6.25 24.02 -3.84
CA LEU D 52 -6.17 22.56 -4.02
C LEU D 52 -7.46 21.91 -4.48
N TRP D 53 -8.51 22.69 -4.79
CA TRP D 53 -9.82 22.07 -5.09
C TRP D 53 -9.82 21.12 -6.27
N PRO D 54 -9.09 21.34 -7.38
CA PRO D 54 -9.14 20.32 -8.43
C PRO D 54 -8.57 19.00 -7.96
N SER D 55 -7.61 18.98 -7.01
CA SER D 55 -7.19 17.72 -6.39
C SER D 55 -8.33 17.05 -5.63
N TYR D 56 -9.10 17.83 -4.85
CA TYR D 56 -10.26 17.28 -4.19
C TYR D 56 -11.18 16.65 -5.22
N LEU D 57 -11.37 17.35 -6.32
CA LEU D 57 -12.32 16.94 -7.35
C LEU D 57 -11.88 15.64 -8.01
N ALA D 58 -10.63 15.60 -8.47
CA ALA D 58 -10.10 14.43 -9.15
C ALA D 58 -10.04 13.23 -8.21
N PHE D 59 -9.62 13.43 -6.96
CA PHE D 59 -9.59 12.34 -5.99
C PHE D 59 -10.98 11.76 -5.76
N LEU D 60 -11.98 12.63 -5.58
CA LEU D 60 -13.34 12.18 -5.29
C LEU D 60 -13.91 11.39 -6.46
N THR D 61 -13.88 11.97 -7.67
CA THR D 61 -14.45 11.29 -8.83
C THR D 61 -13.69 10.01 -9.16
N SER D 62 -12.37 10.04 -9.03
CA SER D 62 -11.54 8.87 -9.32
C SER D 62 -11.76 7.76 -8.30
N PHE D 63 -11.89 8.12 -7.01
CA PHE D 63 -12.19 7.14 -5.97
C PHE D 63 -13.54 6.49 -6.25
N ALA D 64 -14.57 7.31 -6.45
CA ALA D 64 -15.91 6.82 -6.65
C ALA D 64 -15.96 5.89 -7.86
N SER D 65 -15.36 6.32 -8.97
CA SER D 65 -15.34 5.51 -10.18
C SER D 65 -14.60 4.19 -9.97
N ILE D 66 -13.44 4.21 -9.31
CA ILE D 66 -12.74 2.93 -9.11
C ILE D 66 -13.57 1.98 -8.25
N LEU D 67 -14.28 2.51 -7.26
CA LEU D 67 -15.22 1.69 -6.50
C LEU D 67 -16.25 1.01 -7.41
N VAL D 68 -16.84 1.78 -8.33
CA VAL D 68 -17.76 1.17 -9.29
C VAL D 68 -17.09 0.05 -10.08
N MET D 69 -15.83 0.26 -10.47
CA MET D 69 -15.11 -0.78 -11.21
C MET D 69 -14.93 -2.03 -10.37
N TRP D 70 -14.70 -1.85 -9.07
CA TRP D 70 -14.62 -3.01 -8.21
C TRP D 70 -15.95 -3.76 -8.20
N VAL D 71 -17.05 -3.02 -8.05
CA VAL D 71 -18.38 -3.65 -8.03
C VAL D 71 -18.59 -4.47 -9.29
N ASN D 72 -18.37 -3.86 -10.47
CA ASN D 72 -18.52 -4.57 -11.73
C ASN D 72 -17.57 -5.76 -11.88
N HIS D 73 -16.35 -5.63 -11.36
CA HIS D 73 -15.43 -6.77 -11.42
C HIS D 73 -16.02 -7.93 -10.64
N HIS D 74 -16.42 -7.68 -9.40
CA HIS D 74 -17.02 -8.76 -8.61
C HIS D 74 -18.25 -9.34 -9.29
N ARG D 75 -19.06 -8.47 -9.90
CA ARG D 75 -20.27 -8.94 -10.58
C ARG D 75 -19.92 -9.93 -11.67
N ILE D 76 -18.97 -9.58 -12.55
CA ILE D 76 -18.55 -10.56 -13.56
C ILE D 76 -18.10 -11.85 -12.88
N PHE D 77 -17.32 -11.74 -11.80
CA PHE D 77 -16.68 -12.93 -11.22
C PHE D 77 -17.65 -13.88 -10.55
N SER D 78 -18.73 -13.38 -9.97
CA SER D 78 -19.66 -14.30 -9.31
C SER D 78 -20.28 -15.31 -10.28
N LEU D 79 -20.49 -14.91 -11.55
CA LEU D 79 -21.42 -15.62 -12.43
C LEU D 79 -20.95 -17.02 -12.84
N VAL D 80 -19.75 -17.14 -13.41
CA VAL D 80 -19.32 -18.47 -13.86
C VAL D 80 -17.90 -18.73 -13.37
N ALA D 81 -17.67 -19.99 -13.00
CA ALA D 81 -16.40 -20.48 -12.43
C ALA D 81 -15.71 -21.40 -13.45
N ARG D 82 -15.10 -20.78 -14.46
CA ARG D 82 -14.29 -21.46 -15.47
C ARG D 82 -13.35 -20.41 -16.05
N THR D 83 -12.08 -20.43 -15.66
CA THR D 83 -11.13 -19.42 -16.11
C THR D 83 -10.24 -19.98 -17.20
N ASP D 84 -10.04 -19.19 -18.24
CA ASP D 84 -9.09 -19.49 -19.31
C ASP D 84 -7.86 -18.61 -19.13
N HIS D 85 -6.80 -18.99 -19.83
CA HIS D 85 -5.61 -18.15 -19.87
C HIS D 85 -5.97 -16.76 -20.36
N ALA D 86 -6.68 -16.67 -21.50
CA ALA D 86 -7.03 -15.38 -22.08
C ALA D 86 -7.97 -14.58 -21.17
N PHE D 87 -8.87 -15.26 -20.47
CA PHE D 87 -9.66 -14.57 -19.45
C PHE D 87 -8.78 -14.04 -18.32
N PHE D 88 -7.89 -14.88 -17.81
CA PHE D 88 -7.01 -14.45 -16.73
C PHE D 88 -6.23 -13.21 -17.14
N TYR D 89 -5.81 -13.16 -18.41
CA TYR D 89 -5.03 -12.03 -18.91
C TYR D 89 -5.86 -10.79 -19.17
N TRP D 90 -7.10 -10.96 -19.64
CA TRP D 90 -7.96 -9.80 -19.71
C TRP D 90 -8.13 -9.20 -18.33
N ASN D 91 -8.35 -10.07 -17.35
CA ASN D 91 -8.34 -9.66 -15.97
C ASN D 91 -7.02 -8.99 -15.58
N GLY D 92 -5.89 -9.54 -16.02
CA GLY D 92 -4.60 -8.97 -15.64
C GLY D 92 -4.38 -7.56 -16.19
N LEU D 93 -4.70 -7.36 -17.48
CA LEU D 93 -4.63 -6.04 -18.09
C LEU D 93 -5.58 -5.07 -17.38
N LEU D 94 -6.74 -5.58 -16.96
CA LEU D 94 -7.66 -4.76 -16.18
C LEU D 94 -7.02 -4.29 -14.88
N LEU D 95 -6.33 -5.19 -14.15
CA LEU D 95 -5.61 -4.77 -12.96
C LEU D 95 -4.56 -3.70 -13.30
N MET D 96 -3.86 -3.85 -14.44
CA MET D 96 -2.83 -2.87 -14.80
C MET D 96 -3.39 -1.48 -15.06
N LEU D 97 -4.52 -1.39 -15.76
CA LEU D 97 -5.07 -0.06 -15.97
C LEU D 97 -5.59 0.52 -14.65
N VAL D 98 -6.16 -0.34 -13.79
CA VAL D 98 -6.61 0.12 -12.48
C VAL D 98 -5.44 0.66 -11.65
N THR D 99 -4.33 -0.11 -11.57
CA THR D 99 -3.17 0.41 -10.85
C THR D 99 -2.64 1.66 -11.52
N PHE D 100 -2.83 1.80 -12.83
CA PHE D 100 -2.36 3.00 -13.52
C PHE D 100 -3.22 4.23 -13.27
N VAL D 101 -4.49 4.08 -12.86
CA VAL D 101 -5.41 5.22 -12.68
C VAL D 101 -4.86 6.36 -11.83
N PRO D 102 -4.10 6.10 -10.74
CA PRO D 102 -3.57 7.22 -9.94
C PRO D 102 -2.81 8.26 -10.76
N PHE D 103 -2.12 7.85 -11.84
CA PHE D 103 -1.32 8.84 -12.61
C PHE D 103 -2.22 9.84 -13.38
N PRO D 104 -3.11 9.37 -14.28
CA PRO D 104 -4.02 10.37 -14.90
C PRO D 104 -4.77 11.16 -13.87
N THR D 105 -5.06 10.56 -12.72
CA THR D 105 -5.62 11.34 -11.62
C THR D 105 -4.70 12.50 -11.24
N ALA D 106 -3.41 12.21 -11.04
CA ALA D 106 -2.50 13.24 -10.54
C ALA D 106 -2.30 14.33 -11.56
N LEU D 107 -2.12 13.92 -12.82
CA LEU D 107 -2.00 14.87 -13.93
C LEU D 107 -3.21 15.78 -13.98
N LEU D 108 -4.41 15.19 -13.89
CA LEU D 108 -5.63 15.97 -13.95
C LEU D 108 -5.73 16.96 -12.80
N ALA D 109 -5.38 16.54 -11.59
CA ALA D 109 -5.42 17.48 -10.46
C ALA D 109 -4.42 18.60 -10.64
N GLU D 110 -3.25 18.29 -11.18
CA GLU D 110 -2.19 19.27 -11.30
C GLU D 110 -2.48 20.34 -12.34
N TYR D 111 -2.97 19.95 -13.52
CA TYR D 111 -3.10 20.86 -14.65
C TYR D 111 -4.54 21.27 -14.96
N LEU D 112 -5.49 21.11 -14.02
CA LEU D 112 -6.87 21.47 -14.33
C LEU D 112 -7.03 22.95 -14.64
N ILE D 113 -6.48 23.82 -13.77
CA ILE D 113 -6.59 25.26 -13.93
C ILE D 113 -5.78 25.80 -15.11
N HIS D 114 -4.71 25.10 -15.52
CA HIS D 114 -3.66 25.61 -16.38
C HIS D 114 -4.02 25.41 -17.85
N PRO D 115 -3.30 26.06 -18.79
CA PRO D 115 -3.81 26.19 -20.17
C PRO D 115 -3.92 24.91 -20.99
N GLN D 116 -2.94 24.02 -20.94
CA GLN D 116 -3.05 22.78 -21.70
C GLN D 116 -3.87 21.73 -20.96
N ALA D 117 -4.77 22.18 -20.10
CA ALA D 117 -5.60 21.28 -19.30
C ALA D 117 -6.29 20.25 -20.18
N ARG D 118 -6.74 20.64 -21.38
CA ARG D 118 -7.46 19.69 -22.22
C ARG D 118 -6.66 18.41 -22.45
N VAL D 119 -5.34 18.54 -22.59
CA VAL D 119 -4.52 17.34 -22.79
C VAL D 119 -4.71 16.38 -21.64
N ALA D 120 -4.51 16.88 -20.41
CA ALA D 120 -4.73 16.05 -19.24
C ALA D 120 -6.14 15.48 -19.27
N ALA D 121 -7.12 16.36 -19.51
CA ALA D 121 -8.50 15.89 -19.47
C ALA D 121 -8.70 14.70 -20.38
N SER D 122 -8.15 14.75 -21.59
CA SER D 122 -8.45 13.65 -22.50
C SER D 122 -7.83 12.36 -22.01
N VAL D 123 -6.57 12.42 -21.54
CA VAL D 123 -5.95 11.17 -21.11
C VAL D 123 -6.72 10.63 -19.93
N TYR D 124 -7.29 11.51 -19.11
CA TYR D 124 -8.16 11.07 -18.03
C TYR D 124 -9.31 10.25 -18.63
N ALA D 125 -10.21 10.90 -19.40
CA ALA D 125 -11.27 10.11 -20.03
C ALA D 125 -10.69 8.95 -20.81
N GLY D 126 -9.51 9.16 -21.38
CA GLY D 126 -8.90 8.14 -22.19
C GLY D 126 -8.70 6.88 -21.39
N ILE D 127 -8.00 6.95 -20.25
CA ILE D 127 -7.74 5.69 -19.56
C ILE D 127 -9.05 5.05 -19.13
N PHE D 128 -10.04 5.88 -18.77
CA PHE D 128 -11.31 5.32 -18.33
C PHE D 128 -12.00 4.63 -19.50
N LEU D 129 -12.02 5.30 -20.66
CA LEU D 129 -12.51 4.63 -21.87
C LEU D 129 -11.77 3.31 -22.05
N ALA D 130 -10.44 3.34 -21.90
CA ALA D 130 -9.65 2.13 -22.08
C ALA D 130 -10.09 1.06 -21.09
N ILE D 131 -10.25 1.43 -19.82
CA ILE D 131 -10.67 0.43 -18.84
C ILE D 131 -12.03 -0.17 -19.26
N ALA D 132 -12.96 0.70 -19.67
CA ALA D 132 -14.28 0.22 -20.08
C ALA D 132 -14.15 -0.82 -21.19
N ILE D 133 -13.31 -0.50 -22.18
CA ILE D 133 -13.08 -1.41 -23.30
C ILE D 133 -12.60 -2.75 -22.80
N VAL D 134 -11.65 -2.75 -21.86
CA VAL D 134 -11.12 -4.02 -21.40
C VAL D 134 -12.21 -4.79 -20.67
N PHE D 135 -13.03 -4.10 -19.87
CA PHE D 135 -14.18 -4.74 -19.24
C PHE D 135 -14.99 -5.49 -20.27
N ASN D 136 -15.31 -4.79 -21.36
CA ASN D 136 -16.11 -5.37 -22.42
C ASN D 136 -15.43 -6.61 -22.98
N ARG D 137 -14.17 -6.47 -23.38
CA ARG D 137 -13.47 -7.61 -23.95
C ARG D 137 -13.44 -8.75 -22.95
N LEU D 138 -13.13 -8.44 -21.69
CA LEU D 138 -13.09 -9.51 -20.71
C LEU D 138 -14.45 -10.18 -20.68
N TRP D 139 -15.52 -9.37 -20.54
CA TRP D 139 -16.86 -9.96 -20.52
C TRP D 139 -17.22 -10.61 -21.83
N LYS D 140 -16.79 -10.05 -22.96
CA LYS D 140 -17.11 -10.66 -24.25
C LYS D 140 -16.59 -12.09 -24.32
N HIS D 141 -15.43 -12.37 -23.69
CA HIS D 141 -14.89 -13.72 -23.66
C HIS D 141 -15.75 -14.66 -22.83
N ALA D 142 -16.48 -14.14 -21.83
CA ALA D 142 -17.41 -14.96 -21.05
C ALA D 142 -18.66 -15.34 -21.85
N ALA D 143 -19.24 -14.38 -22.56
CA ALA D 143 -20.51 -14.55 -23.28
C ALA D 143 -20.46 -15.70 -24.29
N THR D 144 -19.36 -15.82 -25.00
CA THR D 144 -19.17 -16.84 -26.02
C THR D 144 -19.33 -18.27 -25.47
N ASP D 154 -28.15 -17.93 -15.50
CA ASP D 154 -29.36 -17.21 -15.91
C ASP D 154 -29.10 -16.18 -17.02
N ARG D 155 -29.58 -16.50 -18.22
CA ARG D 155 -29.03 -15.93 -19.44
C ARG D 155 -29.53 -14.52 -19.71
N HIS D 156 -30.75 -14.19 -19.30
CA HIS D 156 -31.25 -12.85 -19.56
C HIS D 156 -30.46 -11.80 -18.78
N GLU D 157 -30.02 -12.13 -17.55
CA GLU D 157 -29.16 -11.23 -16.79
C GLU D 157 -27.82 -11.01 -17.47
N VAL D 158 -27.23 -12.08 -18.01
CA VAL D 158 -26.04 -11.99 -18.83
C VAL D 158 -26.27 -11.02 -19.98
N ASP D 159 -27.44 -11.11 -20.61
CA ASP D 159 -27.77 -10.21 -21.71
C ASP D 159 -27.82 -8.75 -21.23
N ALA D 160 -28.51 -8.51 -20.11
CA ALA D 160 -28.55 -7.17 -19.55
C ALA D 160 -27.16 -6.64 -19.25
N ILE D 161 -26.28 -7.50 -18.77
CA ILE D 161 -24.91 -7.05 -18.51
C ILE D 161 -24.18 -6.73 -19.80
N THR D 162 -24.29 -7.59 -20.82
CA THR D 162 -23.69 -7.27 -22.11
C THR D 162 -24.17 -5.91 -22.60
N LYS D 163 -25.46 -5.63 -22.42
CA LYS D 163 -25.98 -4.33 -22.83
C LYS D 163 -25.35 -3.20 -22.01
N GLN D 164 -25.13 -3.40 -20.70
CA GLN D 164 -24.52 -2.34 -19.90
C GLN D 164 -23.06 -2.08 -20.31
N TYR D 165 -22.27 -3.15 -20.44
CA TYR D 165 -20.87 -3.01 -20.81
C TYR D 165 -20.70 -2.63 -22.27
N ARG D 166 -21.73 -2.75 -23.07
CA ARG D 166 -21.61 -2.15 -24.40
C ARG D 166 -22.07 -0.71 -24.40
N PHE D 167 -22.90 -0.31 -23.43
CA PHE D 167 -23.38 1.08 -23.40
C PHE D 167 -22.31 2.02 -22.82
N GLY D 168 -21.37 1.50 -22.02
CA GLY D 168 -20.33 2.34 -21.43
C GLY D 168 -19.30 2.93 -22.39
N PRO D 169 -18.45 2.06 -22.97
CA PRO D 169 -17.36 2.55 -23.85
C PRO D 169 -17.73 3.55 -24.92
N GLY D 170 -18.92 3.47 -25.53
CA GLY D 170 -19.30 4.52 -26.45
C GLY D 170 -19.44 5.85 -25.75
N LEU D 171 -20.05 5.82 -24.56
CA LEU D 171 -20.26 7.02 -23.77
C LEU D 171 -18.93 7.60 -23.29
N TYR D 172 -17.94 6.75 -23.00
CA TYR D 172 -16.60 7.24 -22.68
C TYR D 172 -15.80 7.63 -23.90
N LEU D 173 -16.14 7.14 -25.09
CA LEU D 173 -15.65 7.80 -26.29
C LEU D 173 -16.21 9.20 -26.34
N VAL D 174 -17.45 9.38 -25.87
CA VAL D 174 -18.03 10.73 -25.83
C VAL D 174 -17.34 11.59 -24.78
N ALA D 175 -17.17 11.07 -23.55
CA ALA D 175 -16.42 11.82 -22.56
C ALA D 175 -15.01 12.07 -23.06
N PHE D 176 -14.45 11.09 -23.76
CA PHE D 176 -13.12 11.22 -24.34
C PHE D 176 -13.07 12.35 -25.36
N ALA D 177 -14.04 12.36 -26.29
CA ALA D 177 -14.10 13.35 -27.37
C ALA D 177 -14.46 14.74 -26.86
N LEU D 178 -15.37 14.81 -25.90
CA LEU D 178 -15.76 16.07 -25.27
C LEU D 178 -14.56 16.81 -24.71
N SER D 179 -13.51 16.07 -24.33
CA SER D 179 -12.29 16.70 -23.81
C SER D 179 -11.75 17.75 -24.75
N PHE D 180 -11.74 17.45 -26.05
CA PHE D 180 -11.14 18.33 -27.04
C PHE D 180 -11.89 19.65 -27.18
N ILE D 181 -13.22 19.61 -27.04
CA ILE D 181 -14.02 20.84 -27.13
C ILE D 181 -13.73 21.76 -25.95
N SER D 182 -13.81 21.24 -24.73
CA SER D 182 -13.56 22.03 -23.53
C SER D 182 -13.30 21.08 -22.37
N VAL D 183 -12.40 21.50 -21.48
CA VAL D 183 -12.05 20.68 -20.31
C VAL D 183 -13.25 20.49 -19.40
N TRP D 184 -13.90 21.60 -19.04
CA TRP D 184 -14.96 21.58 -18.05
C TRP D 184 -16.09 20.65 -18.44
N LEU D 185 -16.53 20.71 -19.71
CA LEU D 185 -17.65 19.88 -20.12
C LEU D 185 -17.29 18.40 -20.10
N SER D 186 -16.07 18.06 -20.52
CA SER D 186 -15.63 16.66 -20.50
C SER D 186 -15.50 16.12 -19.09
N VAL D 187 -14.76 16.82 -18.23
CA VAL D 187 -14.59 16.35 -16.85
C VAL D 187 -15.92 16.28 -16.14
N GLY D 188 -16.81 17.23 -16.41
CA GLY D 188 -18.14 17.14 -15.83
C GLY D 188 -18.83 15.86 -16.25
N VAL D 189 -18.79 15.56 -17.55
CA VAL D 189 -19.41 14.35 -18.09
C VAL D 189 -18.76 13.10 -17.49
N CYS D 190 -17.50 13.22 -17.07
CA CYS D 190 -16.90 12.14 -16.31
C CYS D 190 -17.46 12.07 -14.89
N PHE D 191 -17.69 13.22 -14.25
CA PHE D 191 -18.28 13.23 -12.92
C PHE D 191 -19.66 12.58 -12.92
N VAL D 192 -20.57 13.19 -13.68
CA VAL D 192 -21.94 12.70 -13.77
C VAL D 192 -21.96 11.27 -14.29
N LEU D 193 -21.10 10.97 -15.27
CA LEU D 193 -21.06 9.63 -15.84
C LEU D 193 -20.59 8.60 -14.81
N ALA D 194 -19.70 9.01 -13.90
CA ALA D 194 -19.30 8.12 -12.81
C ALA D 194 -20.47 7.84 -11.88
N ILE D 195 -21.25 8.89 -11.56
CA ILE D 195 -22.41 8.69 -10.71
C ILE D 195 -23.42 7.76 -11.39
N TYR D 196 -23.66 7.98 -12.70
CA TYR D 196 -24.67 7.22 -13.46
C TYR D 196 -24.33 5.74 -13.47
N PHE D 197 -23.07 5.43 -13.76
CA PHE D 197 -22.63 4.05 -13.71
C PHE D 197 -22.67 3.49 -12.28
N ALA D 198 -22.48 4.35 -11.26
CA ALA D 198 -22.63 3.89 -9.89
C ALA D 198 -24.01 3.30 -9.68
N LEU D 199 -25.06 4.01 -10.08
CA LEU D 199 -26.41 3.49 -9.87
C LEU D 199 -26.71 2.30 -10.81
N ARG D 200 -26.58 2.51 -12.13
CA ARG D 200 -26.91 1.47 -13.10
C ARG D 200 -26.19 0.15 -12.78
N SER D 201 -24.98 0.22 -12.23
CA SER D 201 -24.26 -0.98 -11.82
C SER D 201 -24.97 -1.72 -10.70
N ASN D 202 -25.89 -1.04 -9.99
CA ASN D 202 -26.75 -1.67 -8.98
C ASN D 202 -25.96 -2.38 -7.87
N ALA D 203 -25.02 -1.66 -7.26
CA ALA D 203 -24.23 -2.19 -6.14
C ALA D 203 -23.72 -3.61 -6.40
#